data_6HOZ
#
_entry.id   6HOZ
#
_cell.length_a   66.844
_cell.length_b   96.933
_cell.length_c   107.519
_cell.angle_alpha   90.00
_cell.angle_beta   90.00
_cell.angle_gamma   90.00
#
_symmetry.space_group_name_H-M   'P 21 21 21'
#
loop_
_entity.id
_entity.type
_entity.pdbx_description
1 polymer 'ADP-ribosylhydrolase like 2'
2 non-polymer 'MAGNESIUM ION'
3 non-polymer 'inosine diphosphate ribose'
4 non-polymer 'inosine diphosphate ribose'
5 non-polymer GLYCEROL
6 non-polymer 'ACETATE ION'
7 water water
#
_entity_poly.entity_id   1
_entity_poly.type   'polypeptide(L)'
_entity_poly.pdbx_seq_one_letter_code
;GPMVSLAQVRGALCGALLGDCMGAEFEGSDAVELPDVLEFVRLLEKEKKAGTLFYTDDTAMTRAVIQSLIAKPDFDEVDM
AKRFAEEYKKEPTRGYGAGVVQVFKKLLSPKYSDVFQPAREQFDGKGSYGNGGAMRVASIALAYPNIQDVIKFARRSAQL
THASPLGYNGAILQALAVHFALQGELKRDTFLEQLIGEMERIEGGEMSASDAGEHDRPNEVKLPFCSRLKKIKEFLASSN
VPKADIVDELGHGIAALESVPTAIYSFLHCMESDPDIPDLYNNLQRTIIYSISLGGDTDTIATMAGAIAGAYYGMDQVTP
SWKRSCEAIVETEESAVKLYELYCKQLKTP
;
_entity_poly.pdbx_strand_id   A,B
#
# COMPACT_ATOMS: atom_id res chain seq x y z
N MET A 3 19.53 10.37 -32.67
CA MET A 3 20.15 10.84 -31.39
C MET A 3 19.00 11.26 -30.45
N VAL A 4 19.13 10.80 -29.21
CA VAL A 4 18.19 11.09 -28.19
C VAL A 4 18.30 12.57 -27.84
N SER A 5 17.16 13.20 -27.55
CA SER A 5 17.12 14.64 -27.16
C SER A 5 17.13 14.77 -25.62
N LEU A 6 17.59 15.93 -25.13
CA LEU A 6 17.40 16.28 -23.71
C LEU A 6 15.92 16.12 -23.31
N ALA A 7 14.99 16.53 -24.19
CA ALA A 7 13.54 16.49 -23.90
C ALA A 7 13.10 15.06 -23.58
N GLN A 8 13.70 14.07 -24.23
CA GLN A 8 13.39 12.66 -23.97
C GLN A 8 13.91 12.17 -22.62
N VAL A 9 15.13 12.53 -22.25
CA VAL A 9 15.66 12.05 -20.98
C VAL A 9 14.88 12.71 -19.83
N ARG A 10 14.66 14.01 -19.95
CA ARG A 10 13.85 14.76 -18.99
C ARG A 10 12.45 14.17 -18.90
N GLY A 11 11.85 13.91 -20.06
CA GLY A 11 10.50 13.33 -20.12
C GLY A 11 10.40 12.02 -19.40
N ALA A 12 11.39 11.12 -19.62
CA ALA A 12 11.39 9.81 -19.00
C ALA A 12 11.46 9.93 -17.48
N LEU A 13 12.41 10.73 -16.97
CA LEU A 13 12.57 10.81 -15.54
C LEU A 13 11.35 11.50 -14.87
N CYS A 14 10.84 12.55 -15.52
CA CYS A 14 9.69 13.27 -14.95
C CYS A 14 8.44 12.42 -15.04
N GLY A 15 8.29 11.64 -16.12
CA GLY A 15 7.19 10.71 -16.27
C GLY A 15 7.22 9.64 -15.18
N ALA A 16 8.43 9.11 -14.88
CA ALA A 16 8.61 8.15 -13.77
C ALA A 16 8.23 8.78 -12.43
N LEU A 17 8.68 10.01 -12.18
CA LEU A 17 8.38 10.69 -10.94
C LEU A 17 6.86 10.89 -10.79
N LEU A 18 6.22 11.44 -11.82
CA LEU A 18 4.77 11.66 -11.83
C LEU A 18 4.04 10.35 -11.57
N GLY A 19 4.43 9.26 -12.27
CA GLY A 19 3.70 8.03 -12.08
C GLY A 19 3.80 7.49 -10.66
N ASP A 20 4.99 7.55 -10.07
CA ASP A 20 5.18 7.17 -8.66
C ASP A 20 4.33 8.07 -7.74
N CYS A 21 4.54 9.39 -7.81
CA CYS A 21 3.84 10.37 -6.91
C CYS A 21 2.32 10.25 -7.06
N MET A 22 1.81 10.14 -8.28
CA MET A 22 0.40 10.11 -8.52
C MET A 22 -0.18 8.73 -8.19
N GLY A 23 0.53 7.67 -8.59
CA GLY A 23 0.06 6.30 -8.29
C GLY A 23 0.06 5.95 -6.79
N ALA A 24 0.92 6.62 -6.00
CA ALA A 24 1.18 6.23 -4.60
C ALA A 24 -0.12 6.28 -3.76
N GLU A 25 -0.93 7.28 -4.04
CA GLU A 25 -2.24 7.53 -3.41
C GLU A 25 -3.20 6.33 -3.52
N PHE A 26 -3.04 5.48 -4.54
CA PHE A 26 -3.99 4.40 -4.81
C PHE A 26 -3.39 3.00 -4.63
N GLU A 27 -2.11 2.89 -4.24
CA GLU A 27 -1.35 1.59 -4.37
C GLU A 27 -2.00 0.50 -3.49
N GLY A 28 -2.21 -0.70 -4.06
CA GLY A 28 -2.82 -1.82 -3.32
C GLY A 28 -4.33 -1.70 -3.14
N SER A 29 -4.97 -0.75 -3.85
CA SER A 29 -6.45 -0.69 -3.92
C SER A 29 -6.95 -1.66 -5.02
N ASP A 30 -7.92 -2.50 -4.62
CA ASP A 30 -8.82 -3.13 -5.59
C ASP A 30 -10.18 -2.41 -5.55
N ALA A 31 -10.19 -1.14 -5.09
CA ALA A 31 -11.35 -0.26 -5.24
C ALA A 31 -11.09 0.90 -6.22
N VAL A 32 -9.84 1.29 -6.48
CA VAL A 32 -9.58 2.41 -7.42
C VAL A 32 -10.16 2.07 -8.80
N GLU A 33 -10.90 3.06 -9.33
CA GLU A 33 -11.65 3.14 -10.58
CA GLU A 33 -11.44 3.05 -10.68
C GLU A 33 -11.24 4.45 -11.28
N LEU A 34 -11.44 4.53 -12.59
CA LEU A 34 -11.11 5.70 -13.39
C LEU A 34 -11.72 6.98 -12.82
N PRO A 35 -12.98 7.01 -12.38
CA PRO A 35 -13.55 8.24 -11.83
C PRO A 35 -12.74 8.83 -10.65
N ASP A 36 -12.20 7.96 -9.80
CA ASP A 36 -11.39 8.40 -8.67
C ASP A 36 -10.14 9.13 -9.20
N VAL A 37 -9.54 8.58 -10.25
CA VAL A 37 -8.29 9.07 -10.79
C VAL A 37 -8.55 10.42 -11.48
N LEU A 38 -9.68 10.52 -12.22
CA LEU A 38 -10.00 11.78 -12.91
C LEU A 38 -10.28 12.90 -11.89
N GLU A 39 -10.92 12.55 -10.78
CA GLU A 39 -11.21 13.54 -9.76
C GLU A 39 -9.89 13.96 -9.12
N PHE A 40 -9.02 13.00 -8.83
CA PHE A 40 -7.70 13.29 -8.22
C PHE A 40 -6.91 14.26 -9.10
N VAL A 41 -6.90 14.04 -10.41
CA VAL A 41 -6.17 14.87 -11.32
C VAL A 41 -6.74 16.31 -11.33
N ARG A 42 -8.06 16.46 -11.39
CA ARG A 42 -8.65 17.81 -11.40
C ARG A 42 -8.29 18.59 -10.12
N LEU A 43 -8.33 17.89 -8.99
CA LEU A 43 -7.97 18.50 -7.69
C LEU A 43 -6.49 18.89 -7.68
N LEU A 44 -5.66 17.99 -8.19
CA LEU A 44 -4.23 18.19 -8.21
C LEU A 44 -3.86 19.44 -9.02
N GLU A 45 -4.52 19.65 -10.16
CA GLU A 45 -4.21 20.79 -11.04
C GLU A 45 -4.59 22.15 -10.40
N LYS A 46 -5.52 22.16 -9.44
CA LYS A 46 -5.98 23.39 -8.75
C LYS A 46 -5.26 23.62 -7.41
N GLU A 47 -4.42 22.68 -6.98
CA GLU A 47 -3.69 22.77 -5.73
C GLU A 47 -2.76 24.00 -5.78
N LYS A 48 -2.91 24.93 -4.83
CA LYS A 48 -2.11 26.15 -4.85
C LYS A 48 -0.67 25.86 -4.41
N LYS A 49 -0.47 24.98 -3.43
CA LYS A 49 0.91 24.67 -2.96
C LYS A 49 1.58 23.68 -3.92
N ALA A 50 2.87 23.88 -4.20
CA ALA A 50 3.67 22.93 -4.97
C ALA A 50 4.13 21.79 -4.04
N GLY A 51 4.48 20.66 -4.64
CA GLY A 51 5.16 19.59 -3.97
C GLY A 51 4.30 18.86 -2.94
N THR A 52 2.99 18.76 -3.18
CA THR A 52 2.10 18.11 -2.24
C THR A 52 2.15 16.58 -2.35
N LEU A 53 2.65 16.00 -3.45
CA LEU A 53 2.79 14.57 -3.58
C LEU A 53 4.23 14.14 -3.29
N PHE A 54 4.39 13.23 -2.32
CA PHE A 54 5.68 12.68 -1.96
C PHE A 54 5.92 11.40 -2.77
N TYR A 55 7.19 11.13 -3.10
CA TYR A 55 7.51 9.95 -3.84
C TYR A 55 7.72 8.76 -2.88
N THR A 56 7.89 7.57 -3.46
CA THR A 56 7.95 6.32 -2.71
C THR A 56 9.30 5.66 -2.99
N ASP A 57 9.44 4.39 -2.58
CA ASP A 57 10.62 3.61 -2.79
C ASP A 57 10.98 3.57 -4.29
N ASP A 58 9.98 3.56 -5.19
CA ASP A 58 10.22 3.51 -6.64
C ASP A 58 11.19 4.62 -7.05
N THR A 59 10.89 5.84 -6.62
CA THR A 59 11.72 7.00 -6.89
C THR A 59 12.99 7.02 -6.03
N ALA A 60 12.89 6.62 -4.77
CA ALA A 60 14.08 6.62 -3.90
C ALA A 60 15.19 5.77 -4.55
N MET A 61 14.82 4.63 -5.11
CA MET A 61 15.79 3.70 -5.69
C MET A 61 16.25 4.22 -7.06
N THR A 62 15.34 4.83 -7.82
CA THR A 62 15.68 5.52 -9.06
C THR A 62 16.78 6.55 -8.80
N ARG A 63 16.62 7.39 -7.78
CA ARG A 63 17.57 8.44 -7.51
C ARG A 63 18.95 7.82 -7.18
N ALA A 64 18.95 6.71 -6.44
CA ALA A 64 20.20 6.00 -6.10
C ALA A 64 20.87 5.45 -7.37
N VAL A 65 20.10 4.81 -8.26
CA VAL A 65 20.63 4.33 -9.53
C VAL A 65 21.33 5.49 -10.26
N ILE A 66 20.64 6.63 -10.34
CA ILE A 66 21.17 7.77 -11.09
C ILE A 66 22.48 8.27 -10.46
N GLN A 67 22.50 8.39 -9.12
CA GLN A 67 23.69 8.92 -8.48
C GLN A 67 24.86 7.96 -8.74
N SER A 68 24.57 6.66 -8.81
CA SER A 68 25.65 5.66 -9.07
C SER A 68 26.18 5.81 -10.50
N LEU A 69 25.27 5.96 -11.47
CA LEU A 69 25.66 6.11 -12.88
C LEU A 69 26.49 7.38 -13.08
N ILE A 70 26.12 8.48 -12.42
CA ILE A 70 26.87 9.73 -12.53
C ILE A 70 28.24 9.56 -11.87
N ALA A 71 28.29 8.93 -10.70
CA ALA A 71 29.56 8.79 -10.02
C ALA A 71 30.47 7.80 -10.75
N LYS A 72 29.91 6.71 -11.30
CA LYS A 72 30.68 5.59 -11.87
C LYS A 72 30.05 5.23 -13.21
N PRO A 73 30.31 6.06 -14.24
CA PRO A 73 29.59 5.93 -15.49
C PRO A 73 29.92 4.63 -16.25
N ASP A 74 30.98 3.90 -15.88
CA ASP A 74 31.25 2.59 -16.53
C ASP A 74 30.42 1.48 -15.86
N PHE A 75 29.65 1.83 -14.83
CA PHE A 75 28.72 0.99 -14.07
C PHE A 75 29.49 0.24 -12.99
N ASP A 76 29.19 0.55 -11.72
CA ASP A 76 29.84 -0.06 -10.58
C ASP A 76 28.76 -0.61 -9.64
N GLU A 77 28.54 -1.92 -9.70
CA GLU A 77 27.47 -2.56 -8.95
C GLU A 77 27.71 -2.50 -7.44
N VAL A 78 28.98 -2.41 -7.02
CA VAL A 78 29.29 -2.29 -5.59
C VAL A 78 28.87 -0.90 -5.08
N ASP A 79 29.22 0.13 -5.84
CA ASP A 79 28.79 1.48 -5.57
C ASP A 79 27.26 1.56 -5.53
N MET A 80 26.59 0.98 -6.52
CA MET A 80 25.14 1.04 -6.59
C MET A 80 24.49 0.32 -5.39
N ALA A 81 24.98 -0.88 -5.04
CA ALA A 81 24.50 -1.62 -3.87
C ALA A 81 24.63 -0.77 -2.60
N LYS A 82 25.77 -0.09 -2.43
CA LYS A 82 25.99 0.74 -1.26
CA LYS A 82 26.01 0.75 -1.27
C LYS A 82 24.96 1.88 -1.23
N ARG A 83 24.71 2.52 -2.37
CA ARG A 83 23.74 3.63 -2.39
C ARG A 83 22.33 3.13 -2.08
N PHE A 84 21.95 1.95 -2.58
CA PHE A 84 20.64 1.36 -2.27
C PHE A 84 20.50 1.12 -0.76
N ALA A 85 21.52 0.51 -0.17
CA ALA A 85 21.52 0.18 1.28
C ALA A 85 21.45 1.46 2.13
N GLU A 86 22.25 2.46 1.77
CA GLU A 86 22.35 3.71 2.50
CA GLU A 86 22.35 3.71 2.50
C GLU A 86 21.05 4.52 2.35
N GLU A 87 20.42 4.46 1.17
CA GLU A 87 19.16 5.20 0.95
C GLU A 87 18.07 4.57 1.82
N TYR A 88 18.03 3.22 1.85
CA TYR A 88 17.12 2.48 2.73
C TYR A 88 17.30 2.92 4.19
N LYS A 89 18.54 2.89 4.63
CA LYS A 89 18.85 3.22 6.01
C LYS A 89 18.41 4.64 6.35
N LYS A 90 18.59 5.57 5.41
CA LYS A 90 18.29 6.97 5.63
C LYS A 90 16.76 7.23 5.67
N GLU A 91 16.02 6.58 4.76
CA GLU A 91 14.56 6.79 4.64
C GLU A 91 13.87 5.44 4.50
N PRO A 92 13.79 4.66 5.61
CA PRO A 92 13.26 3.30 5.56
C PRO A 92 11.74 3.21 5.37
N THR A 93 11.04 4.34 5.39
CA THR A 93 9.57 4.32 5.41
C THR A 93 8.98 4.62 4.02
N ARG A 94 9.81 4.67 2.97
CA ARG A 94 9.34 5.12 1.66
C ARG A 94 8.36 4.13 0.99
N GLY A 95 8.27 2.87 1.46
CA GLY A 95 7.26 1.91 0.97
C GLY A 95 7.83 0.64 0.33
N TYR A 96 9.00 0.20 0.79
CA TYR A 96 9.72 -0.94 0.25
C TYR A 96 8.93 -2.24 0.44
N GLY A 97 9.13 -3.21 -0.46
CA GLY A 97 8.60 -4.59 -0.26
C GLY A 97 9.12 -5.23 1.03
N ALA A 98 8.32 -6.13 1.61
CA ALA A 98 8.67 -6.76 2.86
C ALA A 98 9.96 -7.59 2.73
N GLY A 99 10.17 -8.21 1.57
CA GLY A 99 11.35 -9.06 1.35
C GLY A 99 12.64 -8.25 1.21
N VAL A 100 12.62 -7.23 0.35
CA VAL A 100 13.84 -6.58 -0.09
C VAL A 100 14.56 -5.86 1.05
N VAL A 101 13.82 -5.48 2.10
CA VAL A 101 14.39 -4.93 3.32
C VAL A 101 15.53 -5.82 3.84
N GLN A 102 15.39 -7.14 3.75
CA GLN A 102 16.41 -8.08 4.28
C GLN A 102 17.71 -7.97 3.43
N VAL A 103 17.56 -7.72 2.12
CA VAL A 103 18.75 -7.52 1.29
C VAL A 103 19.52 -6.30 1.80
N PHE A 104 18.81 -5.19 2.05
CA PHE A 104 19.47 -3.96 2.50
C PHE A 104 20.17 -4.20 3.84
N LYS A 105 19.50 -4.92 4.74
CA LYS A 105 20.07 -5.20 6.07
C LYS A 105 21.38 -5.98 5.92
N LYS A 106 21.38 -6.98 5.04
CA LYS A 106 22.54 -7.82 4.80
C LYS A 106 23.68 -7.01 4.17
N LEU A 107 23.36 -6.12 3.22
CA LEU A 107 24.36 -5.26 2.61
C LEU A 107 24.92 -4.30 3.66
N LEU A 108 24.11 -3.80 4.59
CA LEU A 108 24.56 -2.82 5.62
C LEU A 108 25.48 -3.52 6.65
N SER A 109 25.29 -4.83 6.82
CA SER A 109 26.04 -5.63 7.77
C SER A 109 27.46 -5.81 7.28
N PRO A 110 28.43 -6.26 8.11
CA PRO A 110 29.79 -6.52 7.65
C PRO A 110 30.04 -7.89 6.99
N LYS A 111 28.98 -8.66 6.70
CA LYS A 111 29.07 -10.14 6.59
C LYS A 111 29.22 -10.61 5.13
N TYR A 112 28.80 -9.78 4.16
CA TYR A 112 28.71 -10.16 2.75
C TYR A 112 29.75 -9.39 1.93
N SER A 113 30.73 -10.08 1.34
CA SER A 113 31.62 -9.43 0.40
C SER A 113 31.01 -9.41 -1.01
N ASP A 114 30.14 -10.38 -1.33
CA ASP A 114 29.54 -10.49 -2.65
C ASP A 114 28.21 -9.74 -2.60
N VAL A 115 28.12 -8.60 -3.30
CA VAL A 115 26.94 -7.72 -3.16
C VAL A 115 25.71 -8.37 -3.79
N PHE A 116 25.88 -9.45 -4.58
CA PHE A 116 24.78 -10.18 -5.18
C PHE A 116 24.26 -11.30 -4.27
N GLN A 117 25.01 -11.68 -3.24
CA GLN A 117 24.69 -12.87 -2.45
C GLN A 117 23.42 -12.65 -1.62
N PRO A 118 23.19 -11.51 -0.94
CA PRO A 118 21.93 -11.31 -0.22
C PRO A 118 20.68 -11.56 -1.08
N ALA A 119 20.69 -11.09 -2.33
CA ALA A 119 19.58 -11.29 -3.23
C ALA A 119 19.37 -12.77 -3.57
N ARG A 120 20.46 -13.52 -3.74
CA ARG A 120 20.35 -14.94 -4.05
C ARG A 120 19.68 -15.71 -2.90
N GLU A 121 19.84 -15.23 -1.67
CA GLU A 121 19.37 -15.94 -0.47
C GLU A 121 17.85 -15.72 -0.27
N GLN A 122 17.28 -14.71 -0.94
CA GLN A 122 15.87 -14.38 -0.77
C GLN A 122 14.98 -15.57 -1.13
N PHE A 123 13.90 -15.73 -0.38
CA PHE A 123 12.83 -16.68 -0.66
C PHE A 123 13.41 -18.08 -0.88
N ASP A 124 14.08 -18.59 0.15
CA ASP A 124 14.59 -19.97 0.16
C ASP A 124 15.56 -20.19 -1.01
N GLY A 125 16.29 -19.14 -1.38
CA GLY A 125 17.33 -19.24 -2.41
C GLY A 125 16.78 -19.13 -3.84
N LYS A 126 15.48 -18.86 -4.01
CA LYS A 126 14.87 -18.77 -5.35
C LYS A 126 14.94 -17.33 -5.88
N GLY A 127 15.15 -16.36 -4.99
CA GLY A 127 15.21 -14.96 -5.34
C GLY A 127 13.83 -14.33 -5.49
N SER A 128 13.78 -13.00 -5.39
CA SER A 128 12.56 -12.24 -5.54
C SER A 128 12.14 -12.15 -7.01
N TYR A 129 10.82 -12.35 -7.25
CA TYR A 129 10.21 -12.20 -8.58
C TYR A 129 9.44 -10.87 -8.65
N GLY A 130 9.66 -10.00 -7.67
CA GLY A 130 8.99 -8.71 -7.54
C GLY A 130 9.43 -7.73 -8.61
N ASN A 131 8.72 -6.59 -8.68
CA ASN A 131 8.95 -5.62 -9.75
C ASN A 131 9.90 -4.49 -9.31
N GLY A 132 10.57 -4.65 -8.16
CA GLY A 132 11.49 -3.64 -7.66
C GLY A 132 12.75 -3.43 -8.50
N GLY A 133 13.23 -4.47 -9.20
CA GLY A 133 14.31 -4.28 -10.12
C GLY A 133 13.90 -3.44 -11.31
N ALA A 134 12.65 -3.62 -11.77
CA ALA A 134 12.14 -2.91 -12.96
C ALA A 134 11.71 -1.47 -12.63
N MET A 135 11.24 -1.24 -11.41
CA MET A 135 10.64 0.07 -11.08
C MET A 135 11.69 1.19 -11.14
N ARG A 136 12.98 0.81 -11.03
CA ARG A 136 14.09 1.78 -10.90
C ARG A 136 15.03 1.75 -12.11
N VAL A 137 14.72 0.96 -13.13
CA VAL A 137 15.75 0.58 -14.12
C VAL A 137 15.80 1.55 -15.31
N ALA A 138 14.77 2.40 -15.50
CA ALA A 138 14.70 3.25 -16.73
C ALA A 138 16.03 3.96 -17.04
N SER A 139 16.70 4.50 -16.01
CA SER A 139 17.87 5.35 -16.17
C SER A 139 19.00 4.59 -16.87
N ILE A 140 19.00 3.25 -16.77
CA ILE A 140 20.03 2.46 -17.52
C ILE A 140 19.89 2.75 -19.02
N ALA A 141 18.65 2.72 -19.51
CA ALA A 141 18.38 2.99 -20.95
C ALA A 141 18.65 4.46 -21.30
N LEU A 142 18.58 5.36 -20.31
CA LEU A 142 18.80 6.76 -20.57
C LEU A 142 20.31 7.08 -20.56
N ALA A 143 21.15 6.21 -19.98
CA ALA A 143 22.58 6.48 -19.86
C ALA A 143 23.41 5.73 -20.91
N TYR A 144 22.90 4.62 -21.45
CA TYR A 144 23.73 3.72 -22.28
C TYR A 144 23.04 3.50 -23.60
N PRO A 145 23.54 4.09 -24.69
CA PRO A 145 22.93 3.93 -26.01
C PRO A 145 22.99 2.51 -26.59
N ASN A 146 24.03 1.74 -26.27
CA ASN A 146 24.26 0.39 -26.84
C ASN A 146 23.30 -0.61 -26.15
N ILE A 147 22.42 -1.27 -26.92
CA ILE A 147 21.44 -2.21 -26.36
C ILE A 147 22.12 -3.32 -25.54
N GLN A 148 23.31 -3.80 -25.92
CA GLN A 148 24.01 -4.85 -25.18
CA GLN A 148 23.91 -4.89 -25.15
C GLN A 148 24.32 -4.37 -23.76
N ASP A 149 24.71 -3.10 -23.64
CA ASP A 149 24.98 -2.46 -22.34
C ASP A 149 23.69 -2.31 -21.54
N VAL A 150 22.59 -1.92 -22.19
CA VAL A 150 21.32 -1.76 -21.54
C VAL A 150 20.90 -3.11 -20.91
N ILE A 151 21.01 -4.18 -21.69
CA ILE A 151 20.63 -5.49 -21.22
C ILE A 151 21.51 -5.92 -20.02
N LYS A 152 22.84 -5.83 -20.17
CA LYS A 152 23.74 -6.42 -19.16
C LYS A 152 23.66 -5.58 -17.87
N PHE A 153 23.51 -4.27 -18.01
CA PHE A 153 23.45 -3.41 -16.81
C PHE A 153 22.06 -3.41 -16.18
N ALA A 154 20.99 -3.53 -16.98
CA ALA A 154 19.67 -3.72 -16.39
C ALA A 154 19.66 -4.99 -15.54
N ARG A 155 20.25 -6.07 -16.07
CA ARG A 155 20.27 -7.35 -15.41
C ARG A 155 21.01 -7.22 -14.07
N ARG A 156 22.20 -6.65 -14.13
CA ARG A 156 23.07 -6.59 -12.96
C ARG A 156 22.47 -5.66 -11.92
N SER A 157 21.93 -4.51 -12.35
CA SER A 157 21.33 -3.57 -11.39
C SER A 157 20.19 -4.27 -10.67
N ALA A 158 19.40 -5.07 -11.39
CA ALA A 158 18.24 -5.74 -10.81
C ALA A 158 18.68 -6.83 -9.85
N GLN A 159 19.74 -7.57 -10.21
CA GLN A 159 20.20 -8.73 -9.48
C GLN A 159 20.75 -8.32 -8.12
N LEU A 160 21.00 -7.02 -7.89
CA LEU A 160 21.37 -6.59 -6.50
C LEU A 160 20.25 -6.86 -5.48
N THR A 161 18.99 -6.94 -5.93
CA THR A 161 17.85 -7.21 -5.07
C THR A 161 17.03 -8.41 -5.55
N HIS A 162 17.05 -8.69 -6.86
CA HIS A 162 16.14 -9.63 -7.52
C HIS A 162 16.92 -10.71 -8.29
N ALA A 163 17.11 -11.88 -7.65
CA ALA A 163 17.93 -12.97 -8.17
C ALA A 163 17.09 -13.98 -8.98
N SER A 164 15.76 -13.87 -8.94
CA SER A 164 14.90 -14.71 -9.75
C SER A 164 14.97 -14.23 -11.19
N PRO A 165 15.05 -15.13 -12.21
CA PRO A 165 14.93 -14.71 -13.60
C PRO A 165 13.63 -13.92 -13.86
N LEU A 166 12.52 -14.25 -13.17
CA LEU A 166 11.30 -13.43 -13.37
C LEU A 166 11.56 -11.98 -12.97
N GLY A 167 12.29 -11.78 -11.86
CA GLY A 167 12.60 -10.42 -11.39
C GLY A 167 13.57 -9.69 -12.31
N TYR A 168 14.72 -10.30 -12.63
CA TYR A 168 15.71 -9.57 -13.42
C TYR A 168 15.35 -9.52 -14.91
N ASN A 169 14.67 -10.54 -15.47
CA ASN A 169 14.18 -10.44 -16.88
C ASN A 169 13.08 -9.36 -16.99
N GLY A 170 12.28 -9.18 -15.94
CA GLY A 170 11.31 -8.08 -15.89
C GLY A 170 11.99 -6.70 -15.94
N ALA A 171 13.10 -6.56 -15.22
CA ALA A 171 13.91 -5.35 -15.28
C ALA A 171 14.50 -5.16 -16.69
N ILE A 172 15.03 -6.22 -17.31
CA ILE A 172 15.55 -6.10 -18.66
C ILE A 172 14.43 -5.61 -19.59
N LEU A 173 13.26 -6.22 -19.47
CA LEU A 173 12.14 -5.87 -20.35
C LEU A 173 11.79 -4.38 -20.24
N GLN A 174 11.70 -3.88 -19.01
CA GLN A 174 11.35 -2.45 -18.75
C GLN A 174 12.46 -1.55 -19.32
N ALA A 175 13.75 -1.91 -19.14
CA ALA A 175 14.85 -1.14 -19.72
C ALA A 175 14.78 -1.14 -21.26
N LEU A 176 14.44 -2.27 -21.87
CA LEU A 176 14.34 -2.35 -23.29
C LEU A 176 13.15 -1.51 -23.80
N ALA A 177 12.04 -1.50 -23.06
CA ALA A 177 10.87 -0.68 -23.45
C ALA A 177 11.27 0.81 -23.51
N VAL A 178 12.00 1.28 -22.49
CA VAL A 178 12.48 2.66 -22.48
C VAL A 178 13.47 2.86 -23.65
N HIS A 179 14.40 1.93 -23.83
CA HIS A 179 15.36 1.99 -24.90
C HIS A 179 14.69 2.14 -26.28
N PHE A 180 13.73 1.26 -26.60
CA PHE A 180 13.05 1.36 -27.87
C PHE A 180 12.13 2.59 -27.97
N ALA A 181 11.55 3.07 -26.87
CA ALA A 181 10.78 4.31 -26.88
C ALA A 181 11.65 5.51 -27.23
N LEU A 182 12.95 5.48 -26.88
CA LEU A 182 13.85 6.61 -27.23
C LEU A 182 14.16 6.70 -28.72
N GLN A 183 13.86 5.65 -29.52
CA GLN A 183 14.38 5.59 -30.92
CA GLN A 183 14.26 5.46 -30.95
C GLN A 183 13.47 6.35 -31.91
N GLY A 184 12.48 7.11 -31.43
CA GLY A 184 11.82 8.09 -32.31
C GLY A 184 10.35 7.78 -32.50
N GLU A 185 9.74 8.35 -33.55
CA GLU A 185 8.42 7.93 -33.99
C GLU A 185 8.54 6.43 -34.21
N LEU A 186 8.16 5.61 -33.22
CA LEU A 186 8.15 4.19 -33.50
C LEU A 186 6.70 3.74 -33.43
N LYS A 187 6.27 3.14 -34.52
CA LYS A 187 5.00 2.54 -34.73
C LYS A 187 4.81 1.41 -33.72
N ARG A 188 3.58 1.30 -33.20
CA ARG A 188 3.18 0.29 -32.22
C ARG A 188 3.71 -1.11 -32.60
N ASP A 189 3.45 -1.55 -33.82
CA ASP A 189 3.78 -2.88 -34.24
C ASP A 189 5.31 -3.08 -34.22
N THR A 190 6.05 -2.06 -34.66
CA THR A 190 7.53 -2.14 -34.69
C THR A 190 8.05 -2.26 -33.25
N PHE A 191 7.56 -1.39 -32.38
CA PHE A 191 7.91 -1.39 -30.97
C PHE A 191 7.74 -2.80 -30.38
N LEU A 192 6.59 -3.46 -30.57
CA LEU A 192 6.39 -4.79 -29.98
C LEU A 192 7.31 -5.83 -30.62
N GLU A 193 7.43 -5.76 -31.95
CA GLU A 193 8.32 -6.68 -32.70
C GLU A 193 9.75 -6.56 -32.13
N GLN A 194 10.19 -5.33 -31.87
CA GLN A 194 11.55 -5.07 -31.30
C GLN A 194 11.64 -5.79 -29.94
N LEU A 195 10.64 -5.60 -29.06
CA LEU A 195 10.67 -6.20 -27.72
C LEU A 195 10.56 -7.73 -27.75
N ILE A 196 9.64 -8.24 -28.54
CA ILE A 196 9.48 -9.71 -28.65
C ILE A 196 10.78 -10.33 -29.16
N GLY A 197 11.35 -9.73 -30.23
CA GLY A 197 12.64 -10.14 -30.77
C GLY A 197 13.72 -10.31 -29.69
N GLU A 198 13.87 -9.33 -28.81
CA GLU A 198 14.90 -9.37 -27.81
C GLU A 198 14.56 -10.36 -26.70
N MET A 199 13.29 -10.39 -26.25
CA MET A 199 12.95 -11.23 -25.12
C MET A 199 12.96 -12.71 -25.50
N GLU A 200 12.68 -13.05 -26.76
CA GLU A 200 12.77 -14.45 -27.20
C GLU A 200 14.20 -14.97 -27.02
N ARG A 201 15.17 -14.13 -27.39
CA ARG A 201 16.58 -14.45 -27.25
C ARG A 201 16.95 -14.54 -25.76
N ILE A 202 16.50 -13.59 -24.97
CA ILE A 202 16.86 -13.49 -23.57
C ILE A 202 16.21 -14.62 -22.76
N GLU A 203 14.93 -14.90 -22.98
CA GLU A 203 14.26 -15.94 -22.22
C GLU A 203 14.58 -17.34 -22.75
N GLY A 204 14.72 -17.48 -24.07
CA GLY A 204 14.74 -18.83 -24.75
C GLY A 204 16.14 -19.35 -25.01
N LEU A 223 8.62 -19.29 -21.86
CA LEU A 223 8.91 -17.88 -22.19
C LEU A 223 7.81 -16.97 -21.64
N PRO A 224 7.74 -16.80 -20.30
CA PRO A 224 6.62 -16.08 -19.70
C PRO A 224 6.45 -14.62 -20.19
N PHE A 225 7.55 -13.86 -20.32
CA PHE A 225 7.39 -12.45 -20.70
C PHE A 225 6.98 -12.37 -22.19
N CYS A 226 7.54 -13.23 -23.04
CA CYS A 226 7.16 -13.26 -24.45
C CYS A 226 5.68 -13.58 -24.58
N SER A 227 5.18 -14.51 -23.75
CA SER A 227 3.79 -14.89 -23.81
CA SER A 227 3.80 -14.90 -23.80
C SER A 227 2.91 -13.67 -23.52
N ARG A 228 3.28 -12.88 -22.52
CA ARG A 228 2.49 -11.70 -22.18
C ARG A 228 2.59 -10.64 -23.29
N LEU A 229 3.78 -10.47 -23.87
CA LEU A 229 3.93 -9.50 -24.98
C LEU A 229 3.04 -9.93 -26.16
N LYS A 230 2.92 -11.24 -26.40
CA LYS A 230 2.03 -11.74 -27.45
C LYS A 230 0.57 -11.42 -27.10
N LYS A 231 0.16 -11.58 -25.85
CA LYS A 231 -1.19 -11.19 -25.42
C LYS A 231 -1.42 -9.69 -25.67
N ILE A 232 -0.41 -8.86 -25.38
CA ILE A 232 -0.51 -7.40 -25.61
C ILE A 232 -0.85 -7.14 -27.08
N LYS A 233 -0.11 -7.81 -27.98
CA LYS A 233 -0.33 -7.66 -29.41
C LYS A 233 -1.80 -7.96 -29.72
N GLU A 234 -2.33 -9.05 -29.14
CA GLU A 234 -3.72 -9.47 -29.36
C GLU A 234 -4.70 -8.42 -28.86
N PHE A 235 -4.47 -7.92 -27.64
CA PHE A 235 -5.32 -6.90 -27.05
C PHE A 235 -5.36 -5.63 -27.88
N LEU A 236 -4.20 -5.16 -28.36
CA LEU A 236 -4.13 -3.91 -29.16
C LEU A 236 -4.88 -4.08 -30.49
N ALA A 237 -4.95 -5.31 -31.02
CA ALA A 237 -5.69 -5.66 -32.24
C ALA A 237 -7.19 -5.80 -31.99
N SER A 238 -7.64 -5.79 -30.74
CA SER A 238 -9.07 -5.73 -30.40
C SER A 238 -9.44 -4.28 -30.10
N SER A 239 -10.72 -4.05 -29.84
CA SER A 239 -11.18 -2.75 -29.40
C SER A 239 -12.05 -2.91 -28.15
N ASN A 240 -12.06 -1.84 -27.34
CA ASN A 240 -12.84 -1.73 -26.11
C ASN A 240 -12.56 -2.93 -25.21
N VAL A 241 -11.28 -3.18 -24.95
CA VAL A 241 -10.90 -4.27 -24.07
C VAL A 241 -11.20 -3.81 -22.64
N PRO A 242 -12.11 -4.50 -21.90
CA PRO A 242 -12.41 -4.13 -20.52
C PRO A 242 -11.17 -4.23 -19.61
N LYS A 243 -11.14 -3.37 -18.60
CA LYS A 243 -10.11 -3.39 -17.56
C LYS A 243 -9.98 -4.82 -17.01
N ALA A 244 -11.12 -5.49 -16.79
CA ALA A 244 -11.12 -6.82 -16.16
C ALA A 244 -10.22 -7.78 -16.94
N ASP A 245 -10.27 -7.68 -18.27
CA ASP A 245 -9.51 -8.59 -19.14
C ASP A 245 -8.02 -8.31 -19.03
N ILE A 246 -7.66 -7.02 -18.95
CA ILE A 246 -6.26 -6.61 -18.80
C ILE A 246 -5.75 -7.14 -17.46
N VAL A 247 -6.51 -6.90 -16.39
CA VAL A 247 -6.10 -7.31 -15.06
C VAL A 247 -5.98 -8.83 -15.03
N ASP A 248 -6.95 -9.53 -15.62
CA ASP A 248 -7.00 -10.99 -15.54
C ASP A 248 -5.85 -11.60 -16.33
N GLU A 249 -5.52 -11.06 -17.52
CA GLU A 249 -4.57 -11.72 -18.45
C GLU A 249 -3.14 -11.21 -18.28
N LEU A 250 -2.98 -9.91 -17.98
CA LEU A 250 -1.66 -9.31 -17.86
C LEU A 250 -1.28 -9.10 -16.38
N GLY A 251 -2.25 -8.71 -15.55
CA GLY A 251 -2.04 -8.56 -14.13
C GLY A 251 -1.94 -7.09 -13.75
N HIS A 252 -1.98 -6.83 -12.44
CA HIS A 252 -1.67 -5.51 -11.90
C HIS A 252 -0.93 -5.67 -10.58
N GLY A 253 -0.04 -6.65 -10.51
CA GLY A 253 0.50 -7.18 -9.26
C GLY A 253 1.91 -6.71 -8.96
N ILE A 254 2.39 -7.04 -7.77
N ILE A 254 2.38 -7.06 -7.77
CA ILE A 254 3.77 -6.72 -7.35
CA ILE A 254 3.74 -6.75 -7.30
C ILE A 254 4.78 -7.62 -8.08
C ILE A 254 4.77 -7.63 -8.06
N ALA A 255 4.34 -8.76 -8.61
CA ALA A 255 5.30 -9.60 -9.42
C ALA A 255 5.65 -8.86 -10.73
N ALA A 256 6.92 -8.91 -11.13
CA ALA A 256 7.33 -8.28 -12.37
C ALA A 256 6.49 -8.79 -13.55
N LEU A 257 6.23 -10.09 -13.58
CA LEU A 257 5.49 -10.68 -14.71
C LEU A 257 4.08 -10.08 -14.79
N GLU A 258 3.54 -9.63 -13.65
CA GLU A 258 2.14 -9.14 -13.57
C GLU A 258 2.10 -7.60 -13.55
N SER A 259 3.21 -6.94 -13.90
CA SER A 259 3.23 -5.49 -13.86
C SER A 259 4.00 -4.88 -15.03
N VAL A 260 5.15 -5.44 -15.40
CA VAL A 260 5.95 -4.83 -16.45
C VAL A 260 5.21 -4.90 -17.78
N PRO A 261 4.70 -6.06 -18.26
CA PRO A 261 3.88 -6.07 -19.49
C PRO A 261 2.68 -5.12 -19.37
N THR A 262 2.10 -5.00 -18.18
CA THR A 262 0.91 -4.19 -18.03
C THR A 262 1.27 -2.72 -18.26
N ALA A 263 2.43 -2.29 -17.76
CA ALA A 263 2.94 -0.91 -17.99
C ALA A 263 3.20 -0.66 -19.47
N ILE A 264 3.76 -1.66 -20.18
CA ILE A 264 4.00 -1.59 -21.60
C ILE A 264 2.67 -1.48 -22.36
N TYR A 265 1.70 -2.29 -21.99
CA TYR A 265 0.38 -2.23 -22.59
C TYR A 265 -0.24 -0.84 -22.39
N SER A 266 -0.14 -0.31 -21.18
CA SER A 266 -0.72 1.00 -20.86
CA SER A 266 -0.72 1.00 -20.86
C SER A 266 -0.17 2.06 -21.82
N PHE A 267 1.17 2.08 -21.96
CA PHE A 267 1.83 2.97 -22.88
C PHE A 267 1.29 2.79 -24.31
N LEU A 268 1.25 1.54 -24.81
CA LEU A 268 0.89 1.31 -26.19
C LEU A 268 -0.58 1.68 -26.45
N HIS A 269 -1.43 1.30 -25.50
CA HIS A 269 -2.86 1.61 -25.56
C HIS A 269 -3.06 3.13 -25.67
N CYS A 270 -2.30 3.89 -24.89
CA CYS A 270 -2.54 5.30 -24.74
C CYS A 270 -1.89 6.15 -25.84
N MET A 271 -1.29 5.47 -26.83
CA MET A 271 -0.86 6.14 -28.02
C MET A 271 -2.09 6.60 -28.81
N GLU A 272 -3.27 6.03 -28.53
CA GLU A 272 -4.51 6.47 -29.17
C GLU A 272 -5.50 6.91 -28.09
N SER A 273 -6.57 7.59 -28.51
CA SER A 273 -7.64 8.02 -27.60
C SER A 273 -8.20 6.81 -26.84
N ASP A 274 -8.51 7.04 -25.57
CA ASP A 274 -9.26 6.12 -24.77
C ASP A 274 -10.63 6.74 -24.57
N PRO A 275 -11.71 6.00 -24.87
CA PRO A 275 -13.07 6.54 -24.80
C PRO A 275 -13.48 7.09 -23.42
N ASP A 276 -12.82 6.63 -22.34
CA ASP A 276 -13.21 6.99 -21.00
C ASP A 276 -12.37 8.16 -20.47
N ILE A 277 -11.29 8.51 -21.15
CA ILE A 277 -10.39 9.55 -20.69
C ILE A 277 -10.52 10.76 -21.61
N PRO A 278 -10.87 11.95 -21.07
CA PRO A 278 -11.04 13.13 -21.88
C PRO A 278 -9.81 13.41 -22.76
N ASP A 279 -10.08 13.82 -24.00
CA ASP A 279 -9.06 14.10 -24.97
C ASP A 279 -8.32 15.40 -24.65
N LEU A 280 -8.71 16.14 -23.61
CA LEU A 280 -7.91 17.32 -23.24
CA LEU A 280 -7.95 17.31 -23.13
C LEU A 280 -6.62 16.87 -22.53
N TYR A 281 -6.52 15.62 -22.09
CA TYR A 281 -5.28 15.10 -21.54
C TYR A 281 -4.38 14.66 -22.72
N ASN A 282 -3.10 14.97 -22.65
CA ASN A 282 -2.14 14.53 -23.69
C ASN A 282 -1.84 13.04 -23.49
N ASN A 283 -1.01 12.46 -24.38
CA ASN A 283 -0.75 11.03 -24.34
C ASN A 283 -0.08 10.56 -23.05
N LEU A 284 0.91 11.32 -22.56
CA LEU A 284 1.61 10.96 -21.32
C LEU A 284 0.65 11.00 -20.12
N GLN A 285 -0.16 12.06 -20.03
CA GLN A 285 -1.23 12.20 -19.02
C GLN A 285 -2.19 11.00 -19.07
N ARG A 286 -2.71 10.72 -20.27
CA ARG A 286 -3.60 9.59 -20.50
C ARG A 286 -2.95 8.29 -20.00
N THR A 287 -1.66 8.10 -20.33
CA THR A 287 -0.92 6.93 -19.94
C THR A 287 -0.91 6.76 -18.41
N ILE A 288 -0.57 7.83 -17.70
CA ILE A 288 -0.52 7.78 -16.23
C ILE A 288 -1.92 7.54 -15.64
N ILE A 289 -2.93 8.27 -16.14
CA ILE A 289 -4.30 8.11 -15.69
C ILE A 289 -4.77 6.65 -15.89
N TYR A 290 -4.56 6.14 -17.10
CA TYR A 290 -4.98 4.79 -17.46
C TYR A 290 -4.29 3.75 -16.56
N SER A 291 -2.96 3.82 -16.44
CA SER A 291 -2.14 2.96 -15.55
C SER A 291 -2.74 2.85 -14.16
N ILE A 292 -2.96 4.02 -13.56
CA ILE A 292 -3.43 4.07 -12.18
C ILE A 292 -4.85 3.47 -12.11
N SER A 293 -5.67 3.71 -13.13
CA SER A 293 -7.04 3.23 -13.12
C SER A 293 -7.10 1.69 -13.13
N LEU A 294 -6.03 1.01 -13.56
CA LEU A 294 -6.01 -0.48 -13.55
C LEU A 294 -5.88 -1.04 -12.13
N GLY A 295 -5.53 -0.23 -11.14
CA GLY A 295 -5.50 -0.67 -9.77
C GLY A 295 -4.32 -1.57 -9.49
N GLY A 296 -4.31 -2.17 -8.29
CA GLY A 296 -3.20 -3.02 -7.83
C GLY A 296 -1.99 -2.17 -7.48
N ASP A 297 -0.84 -2.50 -8.07
CA ASP A 297 0.42 -1.90 -7.77
C ASP A 297 0.57 -0.60 -8.58
N THR A 298 -0.19 0.43 -8.20
CA THR A 298 -0.43 1.59 -9.07
C THR A 298 0.78 2.52 -9.15
N ASP A 299 1.54 2.70 -8.05
CA ASP A 299 2.71 3.58 -8.15
C ASP A 299 3.73 2.94 -9.13
N THR A 300 3.85 1.62 -9.13
CA THR A 300 4.92 0.97 -9.86
C THR A 300 4.54 0.79 -11.34
N ILE A 301 3.30 0.38 -11.61
CA ILE A 301 2.85 0.30 -12.97
C ILE A 301 2.90 1.70 -13.60
N ALA A 302 2.42 2.74 -12.88
CA ALA A 302 2.41 4.07 -13.47
C ALA A 302 3.83 4.63 -13.58
N THR A 303 4.74 4.35 -12.63
CA THR A 303 6.11 4.84 -12.76
C THR A 303 6.82 4.21 -13.98
N MET A 304 6.51 2.95 -14.27
CA MET A 304 7.12 2.28 -15.39
C MET A 304 6.49 2.77 -16.71
N ALA A 305 5.15 2.85 -16.78
CA ALA A 305 4.46 3.33 -17.98
C ALA A 305 4.84 4.78 -18.26
N GLY A 306 4.96 5.58 -17.19
CA GLY A 306 5.35 6.97 -17.26
C GLY A 306 6.76 7.18 -17.79
N ALA A 307 7.70 6.34 -17.37
CA ALA A 307 9.06 6.37 -17.89
C ALA A 307 9.08 6.12 -19.39
N ILE A 308 8.33 5.11 -19.83
CA ILE A 308 8.29 4.76 -21.24
C ILE A 308 7.66 5.90 -22.06
N ALA A 309 6.50 6.39 -21.60
CA ALA A 309 5.79 7.48 -22.28
C ALA A 309 6.64 8.75 -22.31
N GLY A 310 7.34 9.02 -21.22
CA GLY A 310 8.18 10.20 -21.14
C GLY A 310 9.32 10.17 -22.12
N ALA A 311 9.93 8.99 -22.25
CA ALA A 311 10.98 8.76 -23.20
C ALA A 311 10.48 8.99 -24.63
N TYR A 312 9.24 8.53 -24.88
CA TYR A 312 8.65 8.53 -26.20
C TYR A 312 8.21 9.93 -26.62
N TYR A 313 7.42 10.59 -25.77
CA TYR A 313 6.78 11.84 -26.12
C TYR A 313 7.63 13.03 -25.72
N GLY A 314 8.47 12.84 -24.68
CA GLY A 314 9.35 13.88 -24.21
C GLY A 314 8.68 14.86 -23.27
N MET A 315 9.49 15.80 -22.78
CA MET A 315 9.13 16.75 -21.77
C MET A 315 8.03 17.71 -22.23
N ASP A 316 7.80 17.90 -23.54
CA ASP A 316 6.69 18.73 -23.99
C ASP A 316 5.34 18.25 -23.43
N GLN A 317 5.20 16.98 -23.06
CA GLN A 317 3.94 16.48 -22.53
C GLN A 317 3.95 16.41 -21.00
N VAL A 318 5.03 16.87 -20.35
CA VAL A 318 5.07 16.98 -18.89
C VAL A 318 4.64 18.39 -18.53
N THR A 319 3.39 18.58 -18.13
CA THR A 319 2.87 19.93 -18.01
C THR A 319 3.30 20.57 -16.69
N PRO A 320 3.41 21.89 -16.67
CA PRO A 320 3.78 22.62 -15.45
C PRO A 320 2.85 22.30 -14.26
N SER A 321 1.53 22.21 -14.47
CA SER A 321 0.60 21.97 -13.33
C SER A 321 0.82 20.57 -12.74
N TRP A 322 1.18 19.58 -13.58
CA TRP A 322 1.43 18.28 -13.08
C TRP A 322 2.79 18.22 -12.35
N LYS A 323 3.86 18.63 -13.02
CA LYS A 323 5.19 18.37 -12.47
C LYS A 323 5.43 19.12 -11.15
N ARG A 324 4.84 20.30 -10.99
CA ARG A 324 5.04 21.11 -9.80
C ARG A 324 4.49 20.41 -8.56
N SER A 325 3.60 19.43 -8.74
CA SER A 325 2.97 18.76 -7.62
C SER A 325 3.92 17.73 -6.94
N CYS A 326 5.06 17.41 -7.57
CA CYS A 326 5.88 16.31 -7.13
C CYS A 326 7.06 16.77 -6.28
N GLU A 327 7.26 16.08 -5.16
CA GLU A 327 8.48 16.12 -4.42
C GLU A 327 9.69 15.91 -5.35
N ALA A 328 10.72 16.75 -5.18
CA ALA A 328 12.02 16.60 -5.84
C ALA A 328 11.96 16.77 -7.37
N ILE A 329 10.97 17.50 -7.90
CA ILE A 329 10.92 17.75 -9.32
C ILE A 329 12.18 18.49 -9.78
N VAL A 330 12.61 19.51 -9.05
CA VAL A 330 13.80 20.27 -9.50
C VAL A 330 15.05 19.38 -9.54
N GLU A 331 15.27 18.59 -8.49
CA GLU A 331 16.39 17.67 -8.41
C GLU A 331 16.31 16.65 -9.54
N THR A 332 15.10 16.19 -9.87
CA THR A 332 14.86 15.25 -10.93
C THR A 332 15.26 15.85 -12.29
N GLU A 333 14.84 17.09 -12.56
CA GLU A 333 15.19 17.79 -13.82
C GLU A 333 16.72 17.95 -13.93
N GLU A 334 17.35 18.36 -12.83
CA GLU A 334 18.79 18.51 -12.80
C GLU A 334 19.50 17.19 -13.09
N SER A 335 19.03 16.09 -12.46
CA SER A 335 19.61 14.78 -12.69
C SER A 335 19.43 14.32 -14.16
N ALA A 336 18.32 14.70 -14.78
CA ALA A 336 18.08 14.34 -16.21
C ALA A 336 19.14 14.98 -17.11
N VAL A 337 19.50 16.24 -16.83
CA VAL A 337 20.51 16.91 -17.58
C VAL A 337 21.84 16.13 -17.45
N LYS A 338 22.17 15.69 -16.22
CA LYS A 338 23.41 14.98 -15.97
C LYS A 338 23.41 13.63 -16.71
N LEU A 339 22.28 12.92 -16.69
CA LEU A 339 22.16 11.64 -17.41
C LEU A 339 22.32 11.86 -18.90
N TYR A 340 21.68 12.92 -19.41
CA TYR A 340 21.80 13.24 -20.85
C TYR A 340 23.28 13.43 -21.22
N GLU A 341 24.05 14.15 -20.39
CA GLU A 341 25.45 14.37 -20.72
C GLU A 341 26.20 13.02 -20.74
N LEU A 342 25.89 12.10 -19.82
CA LEU A 342 26.51 10.75 -19.79
CA LEU A 342 26.53 10.78 -19.80
C LEU A 342 26.17 10.00 -21.08
N TYR A 343 24.91 10.07 -21.50
CA TYR A 343 24.45 9.44 -22.75
CA TYR A 343 24.47 9.45 -22.74
C TYR A 343 25.31 10.00 -23.91
N CYS A 344 25.44 11.33 -23.97
CA CYS A 344 26.17 11.96 -25.07
C CYS A 344 27.65 11.58 -25.04
N LYS A 345 28.23 11.46 -23.85
CA LYS A 345 29.62 11.04 -23.74
CA LYS A 345 29.64 11.03 -23.71
C LYS A 345 29.79 9.60 -24.25
N GLN A 346 28.83 8.72 -23.93
CA GLN A 346 28.83 7.28 -24.38
C GLN A 346 28.84 7.20 -25.92
N LEU A 347 28.24 8.17 -26.61
CA LEU A 347 28.40 8.25 -28.07
C LEU A 347 29.83 8.70 -28.36
N MET B 3 -15.06 -6.48 35.89
CA MET B 3 -14.34 -5.18 35.72
C MET B 3 -13.14 -5.40 34.77
N VAL B 4 -13.03 -4.51 33.81
CA VAL B 4 -12.00 -4.51 32.85
C VAL B 4 -10.68 -4.16 33.57
N SER B 5 -9.60 -4.83 33.17
CA SER B 5 -8.27 -4.62 33.80
C SER B 5 -7.43 -3.67 32.93
N LEU B 6 -6.44 -3.04 33.55
CA LEU B 6 -5.44 -2.30 32.76
C LEU B 6 -4.79 -3.23 31.71
N ALA B 7 -4.53 -4.49 32.03
CA ALA B 7 -3.92 -5.45 31.10
C ALA B 7 -4.76 -5.63 29.82
N GLN B 8 -6.10 -5.52 29.94
CA GLN B 8 -6.99 -5.61 28.79
C GLN B 8 -6.91 -4.37 27.91
N VAL B 9 -6.90 -3.18 28.50
CA VAL B 9 -6.88 -1.97 27.71
C VAL B 9 -5.53 -1.87 26.99
N ARG B 10 -4.45 -2.13 27.72
CA ARG B 10 -3.12 -2.19 27.17
C ARG B 10 -3.03 -3.22 26.04
N GLY B 11 -3.53 -4.42 26.32
CA GLY B 11 -3.60 -5.52 25.36
C GLY B 11 -4.26 -5.12 24.07
N ALA B 12 -5.40 -4.43 24.17
CA ALA B 12 -6.16 -3.99 22.99
C ALA B 12 -5.35 -3.02 22.15
N LEU B 13 -4.76 -2.00 22.80
CA LEU B 13 -4.03 -0.99 22.05
C LEU B 13 -2.74 -1.59 21.45
N CYS B 14 -2.07 -2.47 22.19
CA CYS B 14 -0.82 -3.05 21.69
C CYS B 14 -1.13 -4.05 20.57
N GLY B 15 -2.27 -4.76 20.70
CA GLY B 15 -2.74 -5.67 19.66
C GLY B 15 -3.01 -4.91 18.37
N ALA B 16 -3.67 -3.76 18.50
CA ALA B 16 -3.96 -2.85 17.34
C ALA B 16 -2.63 -2.40 16.72
N LEU B 17 -1.68 -1.97 17.57
CA LEU B 17 -0.41 -1.46 17.05
C LEU B 17 0.34 -2.58 16.31
N LEU B 18 0.46 -3.76 16.91
CA LEU B 18 1.12 -4.90 16.27
C LEU B 18 0.45 -5.24 14.93
N GLY B 19 -0.88 -5.27 14.92
CA GLY B 19 -1.55 -5.66 13.68
C GLY B 19 -1.27 -4.66 12.55
N ASP B 20 -1.32 -3.36 12.86
CA ASP B 20 -0.98 -2.31 11.91
C ASP B 20 0.50 -2.45 11.45
N CYS B 21 1.45 -2.42 12.39
CA CYS B 21 2.90 -2.46 12.07
C CYS B 21 3.27 -3.72 11.27
N MET B 22 2.73 -4.87 11.66
CA MET B 22 3.10 -6.10 11.03
C MET B 22 2.34 -6.28 9.72
N GLY B 23 1.06 -5.90 9.69
CA GLY B 23 0.23 -6.02 8.50
C GLY B 23 0.67 -5.08 7.38
N ALA B 24 1.31 -3.96 7.74
CA ALA B 24 1.60 -2.84 6.82
C ALA B 24 2.50 -3.33 5.68
N GLU B 25 3.39 -4.25 6.04
CA GLU B 25 4.40 -4.81 5.15
C GLU B 25 3.75 -5.58 3.99
N PHE B 26 2.52 -6.07 4.16
CA PHE B 26 1.88 -6.91 3.17
C PHE B 26 0.66 -6.27 2.50
N GLU B 27 0.34 -5.02 2.85
CA GLU B 27 -0.99 -4.37 2.56
C GLU B 27 -1.15 -4.29 1.05
N GLY B 28 -2.30 -4.72 0.53
CA GLY B 28 -2.59 -4.59 -0.90
C GLY B 28 -2.02 -5.73 -1.74
N SER B 29 -1.45 -6.79 -1.12
CA SER B 29 -1.18 -8.07 -1.84
C SER B 29 -2.47 -8.93 -1.91
N ASP B 30 -2.93 -9.29 -3.12
CA ASP B 30 -4.22 -10.01 -3.32
C ASP B 30 -4.15 -11.42 -2.73
N ALA B 31 -2.97 -12.05 -2.86
CA ALA B 31 -2.64 -13.31 -2.21
C ALA B 31 -1.37 -13.11 -1.38
N VAL B 32 -1.44 -13.47 -0.09
CA VAL B 32 -0.30 -13.50 0.78
C VAL B 32 -0.15 -14.94 1.21
N GLU B 33 1.05 -15.47 1.13
CA GLU B 33 1.23 -16.85 1.49
C GLU B 33 1.55 -16.85 3.01
N LEU B 34 0.90 -17.75 3.75
CA LEU B 34 1.19 -17.95 5.17
C LEU B 34 2.69 -18.17 5.38
N PRO B 35 3.41 -18.94 4.54
CA PRO B 35 4.84 -19.13 4.73
C PRO B 35 5.62 -17.80 4.77
N ASP B 36 5.22 -16.81 3.96
CA ASP B 36 5.91 -15.53 3.97
C ASP B 36 5.71 -14.86 5.32
N VAL B 37 4.50 -14.96 5.88
CA VAL B 37 4.14 -14.32 7.15
C VAL B 37 4.92 -15.00 8.28
N LEU B 38 5.05 -16.32 8.24
CA LEU B 38 5.77 -17.03 9.28
C LEU B 38 7.27 -16.72 9.21
N GLU B 39 7.82 -16.56 8.01
CA GLU B 39 9.21 -16.20 7.87
C GLU B 39 9.42 -14.77 8.41
N PHE B 40 8.50 -13.87 8.06
CA PHE B 40 8.55 -12.48 8.55
C PHE B 40 8.62 -12.46 10.08
N VAL B 41 7.74 -13.22 10.74
CA VAL B 41 7.67 -13.30 12.18
C VAL B 41 8.99 -13.81 12.76
N ARG B 42 9.56 -14.88 12.20
CA ARG B 42 10.84 -15.43 12.74
C ARG B 42 11.96 -14.38 12.65
N LEU B 43 12.01 -13.63 11.55
CA LEU B 43 13.02 -12.58 11.34
C LEU B 43 12.80 -11.45 12.35
N LEU B 44 11.54 -11.09 12.53
CA LEU B 44 11.18 -10.04 13.44
C LEU B 44 11.63 -10.35 14.88
N GLU B 45 11.45 -11.61 15.31
CA GLU B 45 11.80 -12.02 16.67
C GLU B 45 13.32 -11.99 16.92
N LYS B 46 14.15 -12.08 15.86
CA LYS B 46 15.61 -12.11 15.96
C LYS B 46 16.24 -10.72 15.73
N GLU B 47 15.46 -9.75 15.25
CA GLU B 47 15.92 -8.42 14.89
C GLU B 47 16.51 -7.74 16.14
N LYS B 48 17.79 -7.36 16.08
CA LYS B 48 18.46 -6.80 17.26
C LYS B 48 17.96 -5.39 17.57
N LYS B 49 17.75 -4.56 16.55
CA LYS B 49 17.33 -3.17 16.73
C LYS B 49 15.82 -3.11 17.05
N ALA B 50 15.41 -2.28 18.02
CA ALA B 50 13.99 -2.09 18.36
C ALA B 50 13.37 -1.09 17.38
N GLY B 51 12.04 -1.17 17.23
CA GLY B 51 11.28 -0.14 16.54
C GLY B 51 11.53 -0.10 15.03
N THR B 52 11.77 -1.26 14.41
CA THR B 52 12.03 -1.26 12.95
C THR B 52 10.72 -1.22 12.15
N LEU B 53 9.58 -1.53 12.76
CA LEU B 53 8.31 -1.48 12.03
C LEU B 53 7.56 -0.17 12.35
N PHE B 54 7.27 0.60 11.31
CA PHE B 54 6.61 1.87 11.44
C PHE B 54 5.10 1.66 11.30
N TYR B 55 4.32 2.48 12.03
CA TYR B 55 2.90 2.34 11.95
C TYR B 55 2.39 3.17 10.76
N THR B 56 1.09 3.01 10.49
CA THR B 56 0.46 3.63 9.33
C THR B 56 -0.66 4.54 9.83
N ASP B 57 -1.51 4.98 8.89
CA ASP B 57 -2.63 5.82 9.18
C ASP B 57 -3.54 5.16 10.22
N ASP B 58 -3.67 3.83 10.22
CA ASP B 58 -4.52 3.12 11.19
C ASP B 58 -4.18 3.52 12.62
N THR B 59 -2.89 3.50 12.93
CA THR B 59 -2.39 3.88 14.25
C THR B 59 -2.35 5.40 14.43
N ALA B 60 -2.01 6.15 13.36
CA ALA B 60 -1.99 7.62 13.46
C ALA B 60 -3.35 8.13 13.92
N MET B 61 -4.42 7.56 13.34
CA MET B 61 -5.77 8.04 13.64
C MET B 61 -6.21 7.51 15.00
N THR B 62 -5.78 6.29 15.36
CA THR B 62 -6.00 5.75 16.69
C THR B 62 -5.45 6.71 17.75
N ARG B 63 -4.21 7.18 17.55
CA ARG B 63 -3.58 8.04 18.51
C ARG B 63 -4.36 9.35 18.63
N ALA B 64 -4.86 9.88 17.52
CA ALA B 64 -5.65 11.11 17.53
C ALA B 64 -6.98 10.91 18.29
N VAL B 65 -7.69 9.79 18.02
CA VAL B 65 -8.90 9.47 18.78
C VAL B 65 -8.57 9.52 20.28
N ILE B 66 -7.49 8.83 20.66
CA ILE B 66 -7.14 8.71 22.10
C ILE B 66 -6.84 10.11 22.67
N GLN B 67 -6.08 10.93 21.94
CA GLN B 67 -5.71 12.29 22.37
CA GLN B 67 -5.72 12.22 22.52
C GLN B 67 -6.99 13.07 22.66
N SER B 68 -7.98 12.89 21.78
CA SER B 68 -9.24 13.64 21.89
C SER B 68 -10.03 13.19 23.12
N LEU B 69 -10.13 11.87 23.33
CA LEU B 69 -10.87 11.32 24.46
C LEU B 69 -10.24 11.76 25.77
N ILE B 70 -8.89 11.80 25.85
CA ILE B 70 -8.24 12.22 27.08
C ILE B 70 -8.45 13.72 27.30
N ALA B 71 -8.33 14.52 26.25
CA ALA B 71 -8.55 15.94 26.41
C ALA B 71 -10.03 16.28 26.71
N LYS B 72 -10.96 15.57 26.09
CA LYS B 72 -12.42 15.87 26.17
C LYS B 72 -13.18 14.58 26.42
N PRO B 73 -13.13 14.09 27.68
CA PRO B 73 -13.64 12.76 28.00
C PRO B 73 -15.15 12.58 27.84
N ASP B 74 -15.89 13.68 27.70
CA ASP B 74 -17.35 13.63 27.44
C ASP B 74 -17.62 13.42 25.96
N PHE B 75 -16.56 13.43 25.14
CA PHE B 75 -16.57 13.23 23.67
C PHE B 75 -16.88 14.56 22.99
N ASP B 76 -15.90 15.09 22.26
CA ASP B 76 -16.00 16.35 21.57
C ASP B 76 -15.60 16.14 20.12
N GLU B 77 -16.61 16.07 19.24
CA GLU B 77 -16.35 15.72 17.85
C GLU B 77 -15.61 16.84 17.11
N VAL B 78 -15.75 18.08 17.56
CA VAL B 78 -15.05 19.21 16.95
C VAL B 78 -13.55 19.10 17.27
N ASP B 79 -13.24 18.83 18.54
CA ASP B 79 -11.90 18.58 18.96
C ASP B 79 -11.30 17.40 18.16
N MET B 80 -12.03 16.30 18.09
CA MET B 80 -11.52 15.09 17.40
C MET B 80 -11.26 15.37 15.90
N ALA B 81 -12.19 16.08 15.24
CA ALA B 81 -12.02 16.45 13.83
C ALA B 81 -10.72 17.26 13.64
N LYS B 82 -10.49 18.22 14.53
CA LYS B 82 -9.30 19.05 14.45
CA LYS B 82 -9.28 19.07 14.53
C LYS B 82 -8.04 18.19 14.60
N ARG B 83 -8.05 17.24 15.52
CA ARG B 83 -6.90 16.39 15.75
C ARG B 83 -6.61 15.49 14.54
N PHE B 84 -7.65 14.95 13.92
CA PHE B 84 -7.50 14.16 12.69
C PHE B 84 -6.85 14.99 11.59
N ALA B 85 -7.38 16.20 11.38
CA ALA B 85 -6.87 17.08 10.31
C ALA B 85 -5.42 17.49 10.58
N GLU B 86 -5.11 17.88 11.82
CA GLU B 86 -3.77 18.32 12.21
CA GLU B 86 -3.76 18.33 12.14
C GLU B 86 -2.76 17.16 12.12
N GLU B 87 -3.19 15.94 12.46
CA GLU B 87 -2.32 14.75 12.41
C GLU B 87 -1.98 14.46 10.93
N TYR B 88 -3.01 14.53 10.06
CA TYR B 88 -2.79 14.43 8.59
C TYR B 88 -1.76 15.46 8.12
N LYS B 89 -1.98 16.73 8.50
CA LYS B 89 -1.12 17.77 8.04
C LYS B 89 0.33 17.56 8.49
N LYS B 90 0.51 17.04 9.70
CA LYS B 90 1.85 16.82 10.24
C LYS B 90 2.56 15.63 9.56
N GLU B 91 1.82 14.54 9.32
CA GLU B 91 2.39 13.30 8.78
C GLU B 91 1.47 12.79 7.67
N PRO B 92 1.48 13.47 6.49
CA PRO B 92 0.54 13.16 5.42
C PRO B 92 0.84 11.86 4.68
N THR B 93 2.01 11.26 4.91
CA THR B 93 2.41 10.09 4.11
C THR B 93 2.21 8.78 4.87
N ARG B 94 1.47 8.79 5.98
CA ARG B 94 1.31 7.57 6.81
C ARG B 94 0.55 6.42 6.08
N GLY B 95 -0.20 6.74 5.01
CA GLY B 95 -0.86 5.69 4.17
C GLY B 95 -2.36 5.86 4.03
N TYR B 96 -2.88 7.10 4.12
CA TYR B 96 -4.30 7.37 4.12
C TYR B 96 -4.93 7.01 2.78
N GLY B 97 -6.21 6.63 2.80
CA GLY B 97 -6.97 6.42 1.55
C GLY B 97 -7.02 7.69 0.70
N ALA B 98 -7.13 7.50 -0.62
CA ALA B 98 -7.09 8.63 -1.53
C ALA B 98 -8.31 9.57 -1.32
N GLY B 99 -9.46 9.01 -0.91
CA GLY B 99 -10.66 9.85 -0.68
C GLY B 99 -10.54 10.72 0.56
N VAL B 100 -10.17 10.09 1.68
CA VAL B 100 -10.29 10.73 2.98
C VAL B 100 -9.33 11.93 3.10
N VAL B 101 -8.24 11.93 2.34
CA VAL B 101 -7.35 13.08 2.31
C VAL B 101 -8.14 14.39 2.06
N GLN B 102 -9.17 14.32 1.20
CA GLN B 102 -9.98 15.52 0.85
C GLN B 102 -10.80 15.99 2.05
N VAL B 103 -11.20 15.07 2.92
CA VAL B 103 -11.92 15.47 4.13
C VAL B 103 -10.97 16.31 4.99
N PHE B 104 -9.73 15.83 5.18
CA PHE B 104 -8.76 16.55 6.03
C PHE B 104 -8.47 17.93 5.42
N LYS B 105 -8.33 18.00 4.10
CA LYS B 105 -8.02 19.28 3.44
C LYS B 105 -9.17 20.28 3.67
N LYS B 106 -10.40 19.79 3.57
CA LYS B 106 -11.57 20.64 3.77
C LYS B 106 -11.67 21.07 5.25
N LEU B 107 -11.38 20.17 6.20
CA LEU B 107 -11.39 20.54 7.60
C LEU B 107 -10.27 21.57 7.88
N LEU B 108 -9.12 21.48 7.21
CA LEU B 108 -7.97 22.43 7.44
C LEU B 108 -8.29 23.81 6.87
N SER B 109 -9.17 23.85 5.87
CA SER B 109 -9.58 25.10 5.21
C SER B 109 -10.49 25.89 6.14
N PRO B 110 -10.70 27.20 5.93
CA PRO B 110 -11.61 27.98 6.76
C PRO B 110 -13.11 27.92 6.39
N LYS B 111 -13.51 26.99 5.51
CA LYS B 111 -14.77 27.08 4.74
C LYS B 111 -15.92 26.31 5.42
N TYR B 112 -15.62 25.34 6.27
CA TYR B 112 -16.63 24.42 6.83
C TYR B 112 -16.75 24.63 8.34
N SER B 113 -17.90 25.12 8.79
CA SER B 113 -18.14 25.23 10.23
C SER B 113 -18.72 23.90 10.76
N ASP B 114 -19.40 23.12 9.91
CA ASP B 114 -19.96 21.81 10.32
C ASP B 114 -18.90 20.72 10.05
N VAL B 115 -18.31 20.16 11.11
CA VAL B 115 -17.16 19.25 10.95
C VAL B 115 -17.60 17.94 10.31
N PHE B 116 -18.90 17.67 10.20
CA PHE B 116 -19.43 16.48 9.53
C PHE B 116 -19.66 16.71 8.02
N GLN B 117 -19.69 17.97 7.57
CA GLN B 117 -20.07 18.28 6.22
C GLN B 117 -19.06 17.74 5.19
N PRO B 118 -17.73 17.89 5.38
CA PRO B 118 -16.78 17.33 4.40
C PRO B 118 -17.02 15.85 4.10
N ALA B 119 -17.28 15.06 5.13
CA ALA B 119 -17.52 13.65 4.95
C ALA B 119 -18.78 13.38 4.14
N ARG B 120 -19.83 14.18 4.35
CA ARG B 120 -21.07 14.01 3.61
C ARG B 120 -20.85 14.22 2.10
N GLU B 121 -19.90 15.07 1.73
CA GLU B 121 -19.67 15.47 0.35
C GLU B 121 -18.90 14.41 -0.43
N GLN B 122 -18.26 13.46 0.29
CA GLN B 122 -17.40 12.46 -0.34
C GLN B 122 -18.21 11.61 -1.33
N PHE B 123 -17.55 11.26 -2.44
CA PHE B 123 -18.10 10.30 -3.40
C PHE B 123 -19.50 10.73 -3.87
N ASP B 124 -19.58 11.94 -4.42
CA ASP B 124 -20.80 12.53 -4.95
C ASP B 124 -21.93 12.54 -3.93
N GLY B 125 -21.59 12.77 -2.67
CA GLY B 125 -22.58 12.90 -1.60
C GLY B 125 -23.05 11.57 -1.03
N LYS B 126 -22.44 10.44 -1.43
CA LYS B 126 -22.83 9.13 -0.89
C LYS B 126 -22.05 8.78 0.39
N GLY B 127 -20.91 9.47 0.60
CA GLY B 127 -20.03 9.19 1.70
C GLY B 127 -19.17 7.94 1.45
N SER B 128 -18.08 7.84 2.20
CA SER B 128 -17.15 6.73 2.10
C SER B 128 -17.70 5.49 2.81
N TYR B 129 -17.54 4.34 2.16
CA TYR B 129 -17.88 3.02 2.70
C TYR B 129 -16.60 2.29 3.14
N GLY B 130 -15.47 3.03 3.18
CA GLY B 130 -14.16 2.47 3.58
C GLY B 130 -14.11 2.10 5.05
N ASN B 131 -13.03 1.41 5.45
CA ASN B 131 -12.88 0.87 6.79
C ASN B 131 -12.11 1.82 7.72
N GLY B 132 -11.87 3.06 7.28
CA GLY B 132 -11.09 4.04 8.09
C GLY B 132 -11.78 4.47 9.36
N GLY B 133 -13.12 4.47 9.38
CA GLY B 133 -13.85 4.74 10.60
C GLY B 133 -13.63 3.62 11.62
N ALA B 134 -13.61 2.38 11.13
CA ALA B 134 -13.48 1.19 12.00
C ALA B 134 -12.02 0.96 12.47
N MET B 135 -11.05 1.31 11.64
CA MET B 135 -9.66 0.96 11.92
C MET B 135 -9.14 1.68 13.19
N ARG B 136 -9.82 2.76 13.58
CA ARG B 136 -9.37 3.65 14.67
C ARG B 136 -10.34 3.65 15.86
N VAL B 137 -11.39 2.82 15.84
CA VAL B 137 -12.54 3.05 16.72
C VAL B 137 -12.40 2.27 18.04
N ALA B 138 -11.47 1.30 18.13
CA ALA B 138 -11.39 0.42 19.34
C ALA B 138 -11.42 1.20 20.67
N SER B 139 -10.71 2.34 20.73
CA SER B 139 -10.55 3.09 21.95
C SER B 139 -11.90 3.58 22.48
N ILE B 140 -12.89 3.73 21.60
CA ILE B 140 -14.25 4.14 22.09
C ILE B 140 -14.76 3.08 23.06
N ALA B 141 -14.59 1.80 22.69
CA ALA B 141 -15.04 0.69 23.54
C ALA B 141 -14.18 0.57 24.79
N LEU B 142 -12.93 1.04 24.73
CA LEU B 142 -12.04 0.96 25.89
C LEU B 142 -12.32 2.10 26.87
N ALA B 143 -12.93 3.19 26.41
CA ALA B 143 -13.17 4.36 27.22
C ALA B 143 -14.60 4.43 27.80
N TYR B 144 -15.57 3.79 27.16
CA TYR B 144 -16.97 3.97 27.54
C TYR B 144 -17.59 2.61 27.81
N PRO B 145 -17.82 2.26 29.09
CA PRO B 145 -18.38 0.97 29.43
C PRO B 145 -19.83 0.74 28.97
N ASN B 146 -20.63 1.82 28.85
CA ASN B 146 -22.08 1.73 28.53
C ASN B 146 -22.21 1.51 27.02
N ILE B 147 -22.84 0.39 26.62
CA ILE B 147 -22.99 0.04 25.22
C ILE B 147 -23.67 1.16 24.41
N GLN B 148 -24.62 1.91 24.99
CA GLN B 148 -25.30 2.99 24.27
CA GLN B 148 -25.29 2.93 24.16
C GLN B 148 -24.30 4.09 23.88
N ASP B 149 -23.36 4.37 24.79
CA ASP B 149 -22.28 5.34 24.53
C ASP B 149 -21.32 4.82 23.46
N VAL B 150 -20.99 3.52 23.53
CA VAL B 150 -20.11 2.91 22.56
C VAL B 150 -20.73 3.08 21.16
N ILE B 151 -22.00 2.76 21.02
CA ILE B 151 -22.65 2.88 19.74
C ILE B 151 -22.65 4.35 19.25
N LYS B 152 -23.10 5.29 20.09
CA LYS B 152 -23.33 6.67 19.62
C LYS B 152 -22.00 7.36 19.32
N PHE B 153 -20.97 7.07 20.11
CA PHE B 153 -19.67 7.68 19.89
C PHE B 153 -18.86 6.96 18.81
N ALA B 154 -19.01 5.64 18.66
CA ALA B 154 -18.41 5.00 17.51
C ALA B 154 -18.98 5.63 16.22
N ARG B 155 -20.30 5.79 16.18
CA ARG B 155 -20.97 6.32 14.99
C ARG B 155 -20.42 7.72 14.69
N ARG B 156 -20.43 8.59 15.71
CA ARG B 156 -20.08 9.99 15.50
C ARG B 156 -18.60 10.12 15.13
N SER B 157 -17.73 9.36 15.80
CA SER B 157 -16.29 9.42 15.47
C SER B 157 -16.09 9.01 14.00
N ALA B 158 -16.82 8.01 13.55
CA ALA B 158 -16.67 7.49 12.21
C ALA B 158 -17.19 8.50 11.18
N GLN B 159 -18.31 9.17 11.53
CA GLN B 159 -18.99 10.07 10.60
C GLN B 159 -18.15 11.32 10.31
N LEU B 160 -17.09 11.56 11.08
CA LEU B 160 -16.14 12.67 10.74
C LEU B 160 -15.46 12.43 9.38
N THR B 161 -15.37 11.16 8.94
CA THR B 161 -14.72 10.82 7.68
C THR B 161 -15.62 9.96 6.78
N HIS B 162 -16.57 9.23 7.38
CA HIS B 162 -17.32 8.16 6.71
C HIS B 162 -18.82 8.37 6.92
N ALA B 163 -19.47 8.97 5.94
CA ALA B 163 -20.86 9.41 6.02
C ALA B 163 -21.80 8.36 5.41
N SER B 164 -21.24 7.33 4.76
CA SER B 164 -22.05 6.20 4.28
C SER B 164 -22.43 5.34 5.48
N PRO B 165 -23.69 4.87 5.60
CA PRO B 165 -24.02 3.87 6.63
C PRO B 165 -23.10 2.64 6.58
N LEU B 166 -22.63 2.24 5.40
CA LEU B 166 -21.68 1.09 5.37
C LEU B 166 -20.41 1.41 6.15
N GLY B 167 -19.93 2.65 6.02
CA GLY B 167 -18.75 3.11 6.72
C GLY B 167 -18.96 3.22 8.22
N TYR B 168 -20.00 3.97 8.64
CA TYR B 168 -20.12 4.22 10.07
C TYR B 168 -20.71 2.99 10.81
N ASN B 169 -21.58 2.19 10.17
CA ASN B 169 -22.07 0.96 10.81
C ASN B 169 -20.95 -0.10 10.94
N GLY B 170 -19.99 -0.09 10.02
CA GLY B 170 -18.80 -0.91 10.17
C GLY B 170 -17.95 -0.53 11.37
N ALA B 171 -17.82 0.77 11.62
CA ALA B 171 -17.17 1.28 12.83
C ALA B 171 -17.95 0.88 14.09
N ILE B 172 -19.28 0.97 14.06
CA ILE B 172 -20.07 0.55 15.23
C ILE B 172 -19.80 -0.92 15.50
N LEU B 173 -19.85 -1.73 14.45
CA LEU B 173 -19.64 -3.18 14.61
C LEU B 173 -18.27 -3.50 15.24
N GLN B 174 -17.21 -2.84 14.76
CA GLN B 174 -15.85 -3.05 15.30
C GLN B 174 -15.80 -2.63 16.78
N ALA B 175 -16.41 -1.47 17.12
CA ALA B 175 -16.47 -1.00 18.53
C ALA B 175 -17.24 -2.01 19.40
N LEU B 176 -18.36 -2.54 18.89
CA LEU B 176 -19.12 -3.55 19.62
C LEU B 176 -18.31 -4.83 19.84
N ALA B 177 -17.55 -5.25 18.82
CA ALA B 177 -16.73 -6.48 18.95
C ALA B 177 -15.72 -6.31 20.10
N VAL B 178 -15.05 -5.14 20.15
CA VAL B 178 -14.12 -4.87 21.24
C VAL B 178 -14.88 -4.83 22.58
N HIS B 179 -16.03 -4.14 22.59
CA HIS B 179 -16.85 -4.06 23.80
C HIS B 179 -17.19 -5.44 24.35
N PHE B 180 -17.76 -6.33 23.52
CA PHE B 180 -18.12 -7.65 24.00
C PHE B 180 -16.89 -8.52 24.34
N ALA B 181 -15.75 -8.35 23.66
CA ALA B 181 -14.52 -9.05 24.01
C ALA B 181 -14.03 -8.65 25.41
N LEU B 182 -14.29 -7.41 25.86
CA LEU B 182 -13.83 -6.97 27.19
C LEU B 182 -14.59 -7.63 28.34
N GLN B 183 -15.76 -8.26 28.07
CA GLN B 183 -16.70 -8.65 29.14
CA GLN B 183 -16.77 -8.72 29.05
C GLN B 183 -16.32 -9.99 29.78
N GLY B 184 -15.16 -10.55 29.42
CA GLY B 184 -14.71 -11.82 30.03
C GLY B 184 -14.78 -12.98 29.04
N GLU B 185 -14.63 -14.19 29.56
CA GLU B 185 -14.66 -15.41 28.78
C GLU B 185 -15.95 -15.44 27.95
N LEU B 186 -15.79 -15.52 26.63
CA LEU B 186 -16.89 -15.52 25.71
C LEU B 186 -16.99 -16.89 25.05
N LYS B 187 -18.23 -17.29 24.79
CA LYS B 187 -18.53 -18.39 23.93
C LYS B 187 -18.79 -17.81 22.55
N ARG B 188 -18.28 -18.46 21.51
CA ARG B 188 -18.38 -17.89 20.16
C ARG B 188 -19.82 -17.62 19.78
N ASP B 189 -20.71 -18.58 20.05
CA ASP B 189 -22.11 -18.46 19.72
C ASP B 189 -22.73 -17.23 20.41
N THR B 190 -22.40 -17.05 21.70
CA THR B 190 -22.99 -15.95 22.47
C THR B 190 -22.48 -14.61 21.91
N PHE B 191 -21.18 -14.52 21.72
CA PHE B 191 -20.53 -13.34 21.16
C PHE B 191 -21.19 -12.95 19.82
N LEU B 192 -21.40 -13.90 18.91
CA LEU B 192 -21.99 -13.54 17.61
C LEU B 192 -23.46 -13.16 17.77
N GLU B 193 -24.18 -13.90 18.61
CA GLU B 193 -25.59 -13.59 18.88
C GLU B 193 -25.70 -12.17 19.45
N GLN B 194 -24.75 -11.77 20.31
CA GLN B 194 -24.73 -10.43 20.90
C GLN B 194 -24.60 -9.42 19.75
N LEU B 195 -23.64 -9.62 18.84
CA LEU B 195 -23.37 -8.67 17.74
C LEU B 195 -24.53 -8.65 16.75
N ILE B 196 -25.05 -9.82 16.37
CA ILE B 196 -26.19 -9.88 15.43
C ILE B 196 -27.38 -9.14 16.05
N GLY B 197 -27.69 -9.42 17.31
CA GLY B 197 -28.75 -8.73 18.03
C GLY B 197 -28.64 -7.21 17.93
N GLU B 198 -27.45 -6.65 18.15
CA GLU B 198 -27.28 -5.19 18.11
C GLU B 198 -27.35 -4.67 16.66
N MET B 199 -26.71 -5.38 15.72
CA MET B 199 -26.66 -4.88 14.35
C MET B 199 -28.03 -4.97 13.66
N GLU B 200 -28.88 -5.91 14.06
CA GLU B 200 -30.23 -5.99 13.49
C GLU B 200 -31.01 -4.71 13.81
N ARG B 201 -30.87 -4.24 15.05
CA ARG B 201 -31.50 -3.00 15.50
C ARG B 201 -30.89 -1.81 14.75
N ILE B 202 -29.58 -1.78 14.64
CA ILE B 202 -28.86 -0.65 14.07
C ILE B 202 -29.08 -0.57 12.56
N GLU B 203 -29.01 -1.71 11.86
CA GLU B 203 -29.17 -1.70 10.40
C GLU B 203 -30.65 -1.66 10.00
N GLY B 204 -31.53 -2.30 10.76
CA GLY B 204 -32.93 -2.59 10.35
C GLY B 204 -33.94 -1.58 10.86
N LYS B 222 -30.06 -5.10 2.52
CA LYS B 222 -30.99 -4.78 3.61
C LYS B 222 -30.23 -4.74 4.94
N LEU B 223 -29.80 -5.90 5.44
CA LEU B 223 -28.95 -5.96 6.64
C LEU B 223 -27.58 -6.56 6.28
N PRO B 224 -26.74 -5.84 5.53
CA PRO B 224 -25.49 -6.41 5.04
C PRO B 224 -24.53 -6.89 6.14
N PHE B 225 -24.35 -6.14 7.22
CA PHE B 225 -23.40 -6.60 8.26
C PHE B 225 -23.97 -7.83 8.98
N CYS B 226 -25.28 -7.86 9.25
CA CYS B 226 -25.90 -9.03 9.86
C CYS B 226 -25.70 -10.26 8.98
N SER B 227 -25.83 -10.08 7.67
CA SER B 227 -25.70 -11.18 6.74
CA SER B 227 -25.71 -11.19 6.75
C SER B 227 -24.31 -11.80 6.85
N ARG B 228 -23.29 -10.94 6.93
CA ARG B 228 -21.93 -11.45 7.00
C ARG B 228 -21.70 -12.12 8.37
N LEU B 229 -22.23 -11.53 9.45
CA LEU B 229 -22.09 -12.13 10.78
C LEU B 229 -22.74 -13.53 10.79
N LYS B 230 -23.86 -13.70 10.07
CA LYS B 230 -24.49 -15.00 9.98
C LYS B 230 -23.59 -15.99 9.23
N LYS B 231 -22.94 -15.55 8.14
CA LYS B 231 -21.99 -16.39 7.43
C LYS B 231 -20.83 -16.81 8.35
N ILE B 232 -20.36 -15.88 9.20
CA ILE B 232 -19.29 -16.20 10.15
C ILE B 232 -19.71 -17.39 11.02
N LYS B 233 -20.93 -17.33 11.54
CA LYS B 233 -21.44 -18.38 12.41
C LYS B 233 -21.38 -19.72 11.66
N GLU B 234 -21.78 -19.71 10.38
CA GLU B 234 -21.76 -20.91 9.52
C GLU B 234 -20.33 -21.44 9.36
N PHE B 235 -19.39 -20.54 9.02
CA PHE B 235 -17.99 -20.88 8.84
C PHE B 235 -17.39 -21.52 10.10
N LEU B 236 -17.65 -20.96 11.29
CA LEU B 236 -17.06 -21.46 12.54
C LEU B 236 -17.61 -22.86 12.86
N ALA B 237 -18.83 -23.16 12.39
CA ALA B 237 -19.49 -24.47 12.55
C ALA B 237 -18.96 -25.49 11.51
N SER B 238 -18.18 -25.06 10.51
CA SER B 238 -17.49 -25.97 9.58
C SER B 238 -16.04 -26.16 10.05
N SER B 239 -15.32 -27.02 9.33
CA SER B 239 -13.93 -27.25 9.63
C SER B 239 -13.10 -27.14 8.35
N ASN B 240 -11.83 -26.75 8.56
CA ASN B 240 -10.81 -26.56 7.52
C ASN B 240 -11.36 -25.67 6.40
N VAL B 241 -11.87 -24.48 6.77
CA VAL B 241 -12.44 -23.59 5.77
C VAL B 241 -11.30 -22.97 4.99
N PRO B 242 -11.19 -23.18 3.65
CA PRO B 242 -10.13 -22.59 2.85
C PRO B 242 -10.12 -21.05 2.91
N LYS B 243 -8.92 -20.46 2.89
CA LYS B 243 -8.76 -19.01 2.84
C LYS B 243 -9.62 -18.44 1.71
N ALA B 244 -9.64 -19.13 0.56
CA ALA B 244 -10.32 -18.64 -0.63
C ALA B 244 -11.81 -18.39 -0.32
N ASP B 245 -12.40 -19.27 0.48
CA ASP B 245 -13.83 -19.17 0.82
C ASP B 245 -14.08 -17.96 1.73
N ILE B 246 -13.15 -17.71 2.67
CA ILE B 246 -13.25 -16.56 3.56
C ILE B 246 -13.15 -15.28 2.74
N VAL B 247 -12.16 -15.21 1.85
CA VAL B 247 -11.94 -14.04 1.04
C VAL B 247 -13.16 -13.84 0.14
N ASP B 248 -13.67 -14.91 -0.47
CA ASP B 248 -14.76 -14.79 -1.43
C ASP B 248 -16.04 -14.35 -0.70
N GLU B 249 -16.32 -14.86 0.50
CA GLU B 249 -17.65 -14.67 1.14
C GLU B 249 -17.64 -13.49 2.11
N LEU B 250 -16.52 -13.27 2.81
CA LEU B 250 -16.45 -12.19 3.79
C LEU B 250 -15.66 -11.00 3.22
N GLY B 251 -14.59 -11.27 2.47
CA GLY B 251 -13.79 -10.23 1.84
C GLY B 251 -12.47 -10.01 2.56
N HIS B 252 -11.59 -9.25 1.90
CA HIS B 252 -10.38 -8.78 2.56
C HIS B 252 -10.06 -7.37 2.05
N GLY B 253 -11.10 -6.56 1.92
CA GLY B 253 -11.01 -5.34 1.11
C GLY B 253 -10.96 -4.09 1.97
N ILE B 254 -10.81 -2.94 1.31
CA ILE B 254 -10.77 -1.65 1.97
CA ILE B 254 -10.76 -1.65 1.97
C ILE B 254 -12.18 -1.24 2.41
N ALA B 255 -13.21 -1.81 1.78
CA ALA B 255 -14.61 -1.54 2.27
C ALA B 255 -14.83 -2.13 3.67
N ALA B 256 -15.49 -1.36 4.53
CA ALA B 256 -15.80 -1.84 5.88
C ALA B 256 -16.55 -3.17 5.81
N LEU B 257 -17.49 -3.30 4.90
CA LEU B 257 -18.29 -4.52 4.80
C LEU B 257 -17.39 -5.74 4.49
N GLU B 258 -16.27 -5.50 3.82
CA GLU B 258 -15.37 -6.58 3.37
C GLU B 258 -14.14 -6.71 4.28
N SER B 259 -14.17 -6.13 5.47
CA SER B 259 -13.01 -6.17 6.33
C SER B 259 -13.38 -6.32 7.81
N VAL B 260 -14.42 -5.62 8.27
CA VAL B 260 -14.75 -5.68 9.68
C VAL B 260 -15.22 -7.08 10.04
N PRO B 261 -16.19 -7.68 9.33
CA PRO B 261 -16.59 -9.06 9.64
C PRO B 261 -15.38 -10.01 9.52
N THR B 262 -14.48 -9.74 8.57
CA THR B 262 -13.35 -10.64 8.36
C THR B 262 -12.42 -10.61 9.59
N ALA B 263 -12.24 -9.43 10.16
CA ALA B 263 -11.42 -9.26 11.39
C ALA B 263 -12.05 -10.00 12.56
N ILE B 264 -13.38 -9.92 12.68
CA ILE B 264 -14.12 -10.61 13.73
C ILE B 264 -13.97 -12.12 13.54
N TYR B 265 -14.13 -12.60 12.31
CA TYR B 265 -13.93 -14.02 12.01
C TYR B 265 -12.51 -14.47 12.43
N SER B 266 -11.51 -13.66 12.07
CA SER B 266 -10.11 -14.00 12.37
CA SER B 266 -10.11 -13.97 12.36
C SER B 266 -9.93 -14.20 13.86
N PHE B 267 -10.45 -13.24 14.66
CA PHE B 267 -10.41 -13.36 16.11
C PHE B 267 -11.09 -14.65 16.57
N LEU B 268 -12.32 -14.91 16.11
CA LEU B 268 -13.08 -16.06 16.63
C LEU B 268 -12.41 -17.38 16.22
N HIS B 269 -11.97 -17.42 14.96
CA HIS B 269 -11.27 -18.60 14.41
C HIS B 269 -10.06 -18.93 15.27
N CYS B 270 -9.31 -17.90 15.66
CA CYS B 270 -8.02 -18.10 16.30
C CYS B 270 -8.13 -18.35 17.80
N MET B 271 -9.35 -18.43 18.31
CA MET B 271 -9.56 -18.90 19.67
C MET B 271 -9.21 -20.39 19.77
N GLU B 272 -9.15 -21.09 18.63
CA GLU B 272 -8.72 -22.49 18.61
C GLU B 272 -7.54 -22.65 17.66
N SER B 273 -6.91 -23.83 17.70
CA SER B 273 -5.79 -24.16 16.84
C SER B 273 -6.20 -23.99 15.37
N ASP B 274 -5.25 -23.42 14.60
CA ASP B 274 -5.30 -23.42 13.17
C ASP B 274 -4.30 -24.46 12.69
N PRO B 275 -4.74 -25.39 11.82
CA PRO B 275 -3.85 -26.47 11.35
C PRO B 275 -2.55 -26.00 10.66
N ASP B 276 -2.55 -24.78 10.10
CA ASP B 276 -1.41 -24.28 9.32
C ASP B 276 -0.47 -23.45 10.20
N ILE B 277 -0.92 -22.99 11.37
CA ILE B 277 -0.10 -22.15 12.22
C ILE B 277 0.38 -22.94 13.43
N PRO B 278 1.71 -23.01 13.68
CA PRO B 278 2.23 -23.78 14.80
C PRO B 278 1.59 -23.33 16.12
N ASP B 279 1.29 -24.31 16.96
CA ASP B 279 0.63 -24.09 18.24
C ASP B 279 1.58 -23.41 19.24
N LEU B 280 2.86 -23.19 18.90
CA LEU B 280 3.73 -22.48 19.83
CA LEU B 280 3.80 -22.45 19.75
C LEU B 280 3.40 -20.98 19.81
N TYR B 281 2.65 -20.50 18.81
CA TYR B 281 2.17 -19.12 18.81
C TYR B 281 0.93 -19.06 19.73
N ASN B 282 0.82 -18.00 20.55
CA ASN B 282 -0.32 -17.85 21.43
C ASN B 282 -1.50 -17.37 20.57
N ASN B 283 -2.68 -17.20 21.21
CA ASN B 283 -3.89 -16.88 20.44
C ASN B 283 -3.81 -15.52 19.75
N LEU B 284 -3.24 -14.50 20.43
CA LEU B 284 -3.13 -13.18 19.82
C LEU B 284 -2.17 -13.20 18.62
N GLN B 285 -1.00 -13.86 18.80
CA GLN B 285 -0.05 -14.09 17.70
C GLN B 285 -0.71 -14.79 16.51
N ARG B 286 -1.40 -15.90 16.79
CA ARG B 286 -2.14 -16.65 15.78
C ARG B 286 -3.11 -15.72 15.03
N THR B 287 -3.83 -14.85 15.79
CA THR B 287 -4.81 -13.96 15.24
C THR B 287 -4.17 -13.02 14.24
N ILE B 288 -3.04 -12.40 14.62
CA ILE B 288 -2.34 -11.48 13.73
C ILE B 288 -1.79 -12.22 12.49
N ILE B 289 -1.17 -13.39 12.71
CA ILE B 289 -0.60 -14.18 11.59
C ILE B 289 -1.72 -14.55 10.63
N TYR B 290 -2.82 -15.09 11.16
CA TYR B 290 -3.93 -15.52 10.34
C TYR B 290 -4.52 -14.35 9.54
N SER B 291 -4.82 -13.23 10.22
CA SER B 291 -5.35 -11.99 9.57
C SER B 291 -4.50 -11.61 8.35
N ILE B 292 -3.18 -11.51 8.59
CA ILE B 292 -2.25 -11.08 7.53
C ILE B 292 -2.26 -12.10 6.39
N SER B 293 -2.32 -13.39 6.72
CA SER B 293 -2.31 -14.43 5.72
C SER B 293 -3.52 -14.35 4.76
N LEU B 294 -4.60 -13.65 5.16
CA LEU B 294 -5.79 -13.52 4.30
C LEU B 294 -5.56 -12.57 3.12
N GLY B 295 -4.50 -11.75 3.19
CA GLY B 295 -4.16 -10.85 2.12
C GLY B 295 -5.14 -9.67 2.05
N GLY B 296 -4.99 -8.85 1.00
CA GLY B 296 -5.82 -7.63 0.85
C GLY B 296 -5.36 -6.54 1.78
N ASP B 297 -6.31 -5.98 2.51
CA ASP B 297 -6.09 -4.88 3.40
C ASP B 297 -5.57 -5.40 4.75
N THR B 298 -4.31 -5.87 4.76
CA THR B 298 -3.73 -6.63 5.83
C THR B 298 -3.45 -5.78 7.07
N ASP B 299 -3.00 -4.53 6.91
CA ASP B 299 -2.75 -3.71 8.13
C ASP B 299 -4.08 -3.48 8.87
N THR B 300 -5.17 -3.28 8.14
CA THR B 300 -6.40 -2.87 8.75
C THR B 300 -7.18 -4.06 9.31
N ILE B 301 -7.22 -5.16 8.56
CA ILE B 301 -7.85 -6.37 9.10
C ILE B 301 -7.06 -6.81 10.34
N ALA B 302 -5.73 -6.82 10.28
CA ALA B 302 -4.95 -7.24 11.45
C ALA B 302 -5.05 -6.24 12.60
N THR B 303 -5.08 -4.93 12.34
CA THR B 303 -5.21 -3.95 13.43
C THR B 303 -6.56 -4.12 14.15
N MET B 304 -7.62 -4.45 13.40
CA MET B 304 -8.96 -4.62 14.01
C MET B 304 -9.01 -5.94 14.77
N ALA B 305 -8.55 -7.05 14.13
CA ALA B 305 -8.55 -8.34 14.79
C ALA B 305 -7.66 -8.32 16.04
N GLY B 306 -6.52 -7.64 15.94
CA GLY B 306 -5.57 -7.45 17.02
C GLY B 306 -6.14 -6.69 18.21
N ALA B 307 -6.93 -5.64 17.94
CA ALA B 307 -7.60 -4.92 18.99
C ALA B 307 -8.56 -5.81 19.75
N ILE B 308 -9.33 -6.63 19.02
CA ILE B 308 -10.32 -7.49 19.65
C ILE B 308 -9.59 -8.54 20.49
N ALA B 309 -8.58 -9.20 19.89
CA ALA B 309 -7.81 -10.22 20.58
C ALA B 309 -7.11 -9.66 21.83
N GLY B 310 -6.59 -8.45 21.72
CA GLY B 310 -5.85 -7.84 22.82
C GLY B 310 -6.77 -7.52 23.97
N ALA B 311 -7.98 -7.08 23.65
CA ALA B 311 -9.00 -6.81 24.65
C ALA B 311 -9.36 -8.09 25.39
N TYR B 312 -9.46 -9.18 24.64
CA TYR B 312 -9.91 -10.46 25.15
C TYR B 312 -8.83 -11.16 25.97
N TYR B 313 -7.62 -11.30 25.41
CA TYR B 313 -6.58 -12.10 26.05
C TYR B 313 -5.69 -11.24 26.95
N GLY B 314 -5.61 -9.94 26.65
CA GLY B 314 -4.83 -9.01 27.47
C GLY B 314 -3.36 -9.01 27.11
N MET B 315 -2.64 -8.15 27.83
CA MET B 315 -1.23 -7.93 27.65
C MET B 315 -0.38 -9.20 27.86
N ASP B 316 -0.83 -10.18 28.64
CA ASP B 316 -0.06 -11.41 28.80
C ASP B 316 0.29 -12.06 27.45
N GLN B 317 -0.50 -11.84 26.38
CA GLN B 317 -0.21 -12.46 25.11
C GLN B 317 0.48 -11.50 24.13
N VAL B 318 0.84 -10.29 24.58
CA VAL B 318 1.58 -9.35 23.74
C VAL B 318 3.06 -9.58 24.05
N THR B 319 3.75 -10.36 23.21
CA THR B 319 5.04 -10.83 23.64
C THR B 319 6.09 -9.74 23.48
N PRO B 320 7.05 -9.73 24.41
CA PRO B 320 8.14 -8.76 24.35
C PRO B 320 8.85 -8.69 22.99
N SER B 321 9.15 -9.84 22.36
CA SER B 321 9.92 -9.80 21.08
C SER B 321 9.08 -9.15 19.96
N TRP B 322 7.75 -9.32 19.99
CA TRP B 322 6.92 -8.71 18.98
C TRP B 322 6.77 -7.20 19.26
N LYS B 323 6.38 -6.82 20.48
CA LYS B 323 5.99 -5.43 20.74
C LYS B 323 7.19 -4.49 20.55
N ARG B 324 8.39 -4.95 20.89
CA ARG B 324 9.57 -4.08 20.87
C ARG B 324 9.90 -3.67 19.42
N SER B 325 9.37 -4.41 18.45
CA SER B 325 9.65 -4.11 17.05
C SER B 325 8.83 -2.91 16.54
N CYS B 326 7.82 -2.46 17.29
CA CYS B 326 6.87 -1.51 16.83
C CYS B 326 7.23 -0.08 17.23
N GLU B 327 7.13 0.81 16.24
CA GLU B 327 7.19 2.23 16.48
C GLU B 327 6.13 2.60 17.55
N ALA B 328 6.52 3.45 18.51
CA ALA B 328 5.60 4.04 19.49
C ALA B 328 5.00 3.02 20.47
N ILE B 329 5.64 1.86 20.67
CA ILE B 329 5.16 0.92 21.67
C ILE B 329 5.13 1.57 23.06
N VAL B 330 6.14 2.34 23.40
CA VAL B 330 6.20 2.96 24.74
C VAL B 330 5.02 3.94 24.93
N GLU B 331 4.78 4.79 23.92
CA GLU B 331 3.73 5.78 23.98
C GLU B 331 2.37 5.09 24.02
N THR B 332 2.25 3.99 23.28
CA THR B 332 1.03 3.20 23.24
C THR B 332 0.73 2.61 24.62
N GLU B 333 1.74 2.03 25.28
CA GLU B 333 1.53 1.47 26.65
C GLU B 333 1.14 2.57 27.63
N GLU B 334 1.77 3.74 27.53
CA GLU B 334 1.42 4.86 28.37
C GLU B 334 -0.05 5.30 28.14
N SER B 335 -0.46 5.40 26.88
CA SER B 335 -1.79 5.89 26.57
C SER B 335 -2.90 5.00 27.18
N ALA B 336 -2.60 3.70 27.29
CA ALA B 336 -3.57 2.75 27.87
C ALA B 336 -3.92 3.13 29.31
N VAL B 337 -2.97 3.65 30.08
CA VAL B 337 -3.25 4.01 31.45
C VAL B 337 -4.27 5.14 31.49
N LYS B 338 -4.11 6.12 30.59
CA LYS B 338 -5.00 7.30 30.56
C LYS B 338 -6.40 6.85 30.06
N LEU B 339 -6.44 5.95 29.07
CA LEU B 339 -7.75 5.42 28.63
C LEU B 339 -8.44 4.63 29.76
N TYR B 340 -7.64 3.85 30.47
CA TYR B 340 -8.14 3.08 31.59
C TYR B 340 -8.76 4.01 32.63
N GLU B 341 -8.14 5.17 32.89
CA GLU B 341 -8.70 6.10 33.84
C GLU B 341 -10.06 6.60 33.34
N LEU B 342 -10.19 6.85 32.04
CA LEU B 342 -11.48 7.32 31.47
CA LEU B 342 -11.48 7.31 31.48
C LEU B 342 -12.55 6.23 31.71
N TYR B 343 -12.18 4.97 31.44
CA TYR B 343 -13.07 3.84 31.67
CA TYR B 343 -13.10 3.82 31.67
C TYR B 343 -13.53 3.80 33.14
N CYS B 344 -12.56 3.91 34.06
CA CYS B 344 -12.86 3.83 35.48
C CYS B 344 -13.72 5.01 35.93
N LYS B 345 -13.45 6.20 35.40
CA LYS B 345 -14.27 7.40 35.75
C LYS B 345 -15.73 7.16 35.30
N GLN B 346 -15.91 6.60 34.10
CA GLN B 346 -17.26 6.40 33.49
C GLN B 346 -18.06 5.41 34.35
N LEU B 347 -17.40 4.50 35.09
CA LEU B 347 -18.12 3.70 36.09
C LEU B 347 -18.50 4.64 37.23
#